data_7KDM
#
_entry.id   7KDM
#
_cell.length_a   44.345
_cell.length_b   77.438
_cell.length_c   101.577
_cell.angle_alpha   89.970
_cell.angle_beta   90.180
_cell.angle_gamma   89.980
#
_symmetry.space_group_name_H-M   'P 1'
#
loop_
_entity.id
_entity.type
_entity.pdbx_description
1 polymer 'Ricin chain A'
2 polymer 'Ricin chain B'
3 polymer 'Anti-RON nanobody'
4 branched alpha-L-fucopyranose-(1-3)-2-acetamido-2-deoxy-beta-D-glucopyranose
5 branched 2-acetamido-2-deoxy-beta-D-glucopyranose-(1-4)-2-acetamido-2-deoxy-beta-D-glucopyranose
6 branched beta-D-mannopyranose-(1-4)-2-acetamido-2-deoxy-beta-D-glucopyranose-(1-4)-2-acetamido-2-deoxy-beta-D-glucopyranose
7 non-polymer 'ZINC ION'
8 non-polymer 'CHLORIDE ION'
9 water water
#
loop_
_entity_poly.entity_id
_entity_poly.type
_entity_poly.pdbx_seq_one_letter_code
_entity_poly.pdbx_strand_id
1 'polypeptide(L)'
;IFPKQYPIINFTTAGATVQSYTNFIRAVRGRLTTGADVRHEIPVLPNRVGLPINQRFILVELSNHAELSVTLALDVTNAY
VVGYRAGNSAYFFHPDNQEDAEAITHLFTDVQNRYTFAFGGNYDRLEQLAGNLRENIELGNGPLEEAISALYYYSTGGTQ
LPTLARSFIICIQMISEAARFQYIEGEMRTRIRYNRRSAPDPSVITLENSWGRLSTAIQESNQGAFASPIQLQRRNGSKF
SVYDVSILIPIIALMVYRCAPPPSSQF
;
A,D
2 'polypeptide(L)'
;ADVCMDPEPIVRIVGRNGLCVDVRDGRFHNGNAIQLWPCKSNTDANQLWTLKRDNTIRSNGKCLTTYGYSPGVYVMIYDC
NTAATDATRWQIWDNGTIINPRSSLVLAATSGNSGTTLTVQTNIYAVSQGWLPTNNTQPFVTTIVGLYGLCLQANSGQVW
IEDCSSEKAEQQWALYADGSIRPQQNRDNCLTSDSNIRETVVKILSCGPASSGQRWMFKNDGTILNLYSGLVLDVRASDP
SLKQIILYPLHGDPNQIWLPLF
;
B,E
3 'polypeptide(L)'
;QVQLAESGGGLVQAGGSLRLSCAASGRTFSDYAMGWFRQAPGKERDFVAGITSSGGGTYYADSVKGRFTITRDNYKNTLY
LQMDSLKPEDTAVYYCKGTADGSSSLGYLEVWGQGTLVTVSSEPKTPKPQ
;
C,F
#
# COMPACT_ATOMS: atom_id res chain seq x y z
N GLN A 5 9.65 63.28 -7.84
CA GLN A 5 10.07 61.92 -8.11
C GLN A 5 9.07 60.86 -7.61
N TYR A 6 8.68 59.94 -8.51
CA TYR A 6 7.71 58.92 -8.17
C TYR A 6 8.29 57.96 -7.12
N PRO A 7 7.43 57.31 -6.33
CA PRO A 7 7.94 56.38 -5.31
C PRO A 7 8.76 55.25 -5.93
N ILE A 8 9.83 54.87 -5.24
CA ILE A 8 10.75 53.85 -5.70
C ILE A 8 10.76 52.69 -4.71
N ILE A 9 10.69 51.47 -5.23
CA ILE A 9 10.87 50.24 -4.46
C ILE A 9 12.05 49.48 -5.06
N ASN A 10 12.91 48.93 -4.19
CA ASN A 10 14.15 48.28 -4.62
C ASN A 10 14.11 46.79 -4.35
N PHE A 11 14.67 46.03 -5.28
CA PHE A 11 14.90 44.61 -5.09
C PHE A 11 16.22 44.24 -5.74
N THR A 12 16.99 43.38 -5.08
CA THR A 12 18.22 42.85 -5.64
C THR A 12 18.16 41.33 -5.64
N THR A 13 18.65 40.74 -6.73
CA THR A 13 18.80 39.30 -6.79
C THR A 13 20.03 38.80 -6.05
N ALA A 14 20.98 39.68 -5.74
CA ALA A 14 22.17 39.31 -4.99
C ALA A 14 21.77 38.90 -3.58
N GLY A 15 21.83 37.60 -3.29
CA GLY A 15 21.46 37.10 -1.98
C GLY A 15 19.99 37.18 -1.67
N ALA A 16 19.13 37.15 -2.69
CA ALA A 16 17.70 37.25 -2.46
C ALA A 16 17.18 36.01 -1.74
N THR A 17 16.25 36.22 -0.81
CA THR A 17 15.64 35.16 -0.03
C THR A 17 14.12 35.18 -0.21
N VAL A 18 13.47 34.17 0.36
CA VAL A 18 12.01 34.17 0.45
C VAL A 18 11.53 35.46 1.12
N GLN A 19 12.17 35.82 2.23
CA GLN A 19 11.74 36.99 3.00
C GLN A 19 11.97 38.28 2.22
N SER A 20 13.16 38.44 1.64
CA SER A 20 13.45 39.68 0.93
C SER A 20 12.55 39.84 -0.28
N TYR A 21 12.18 38.73 -0.92
CA TYR A 21 11.24 38.81 -2.03
C TYR A 21 9.85 39.18 -1.53
N THR A 22 9.44 38.64 -0.37
CA THR A 22 8.13 38.96 0.19
C THR A 22 8.05 40.44 0.58
N ASN A 23 9.09 40.94 1.26
CA ASN A 23 9.12 42.36 1.61
C ASN A 23 8.99 43.23 0.37
N PHE A 24 9.64 42.82 -0.71
CA PHE A 24 9.62 43.56 -1.95
C PHE A 24 8.21 43.60 -2.55
N ILE A 25 7.58 42.43 -2.69
CA ILE A 25 6.25 42.40 -3.30
C ILE A 25 5.23 43.12 -2.42
N ARG A 26 5.32 42.93 -1.10
CA ARG A 26 4.48 43.69 -0.17
C ARG A 26 4.67 45.19 -0.36
N ALA A 27 5.93 45.64 -0.44
CA ALA A 27 6.21 47.05 -0.60
C ALA A 27 5.59 47.59 -1.88
N VAL A 28 5.67 46.81 -2.97
CA VAL A 28 5.11 47.23 -4.24
C VAL A 28 3.61 47.42 -4.11
N ARG A 29 2.92 46.46 -3.48
CA ARG A 29 1.48 46.58 -3.31
C ARG A 29 1.12 47.80 -2.47
N GLY A 30 1.92 48.09 -1.43
CA GLY A 30 1.65 49.24 -0.59
C GLY A 30 1.72 50.57 -1.31
N ARG A 31 2.50 50.64 -2.39
CA ARG A 31 2.58 51.85 -3.22
C ARG A 31 1.71 51.80 -4.47
N LEU A 32 1.19 50.62 -4.83
CA LEU A 32 0.27 50.52 -5.96
C LEU A 32 -1.12 51.06 -5.60
N THR A 33 -1.64 50.69 -4.43
CA THR A 33 -2.92 51.21 -3.99
C THR A 33 -2.87 51.46 -2.49
N THR A 34 -3.72 52.39 -2.05
CA THR A 34 -3.82 52.77 -0.65
C THR A 34 -4.40 51.66 0.22
N GLY A 35 -5.14 50.71 -0.37
CA GLY A 35 -5.82 49.70 0.42
C GLY A 35 -7.15 50.11 1.01
N ALA A 36 -7.60 51.35 0.82
CA ALA A 36 -8.86 51.78 1.39
C ALA A 36 -10.07 51.32 0.60
N ASP A 37 -9.89 50.93 -0.66
CA ASP A 37 -10.97 50.41 -1.49
C ASP A 37 -10.84 48.90 -1.55
N VAL A 38 -11.74 48.20 -0.86
CA VAL A 38 -11.70 46.75 -0.74
C VAL A 38 -13.07 46.20 -1.08
N ARG A 39 -13.13 45.25 -2.02
CA ARG A 39 -14.37 44.57 -2.37
C ARG A 39 -14.25 43.11 -2.00
N HIS A 40 -15.13 42.65 -1.11
CA HIS A 40 -15.13 41.25 -0.66
C HIS A 40 -13.72 40.84 -0.23
N GLU A 41 -13.10 41.69 0.58
CA GLU A 41 -11.79 41.51 1.20
C GLU A 41 -10.64 41.47 0.18
N ILE A 42 -10.86 41.97 -1.03
CA ILE A 42 -9.80 42.02 -2.03
C ILE A 42 -9.54 43.49 -2.41
N PRO A 43 -8.32 44.01 -2.22
CA PRO A 43 -8.03 45.41 -2.53
C PRO A 43 -8.21 45.74 -4.00
N VAL A 44 -8.57 47.01 -4.26
CA VAL A 44 -8.77 47.54 -5.61
C VAL A 44 -7.71 48.61 -5.87
N LEU A 45 -7.14 48.58 -7.07
CA LEU A 45 -6.20 49.62 -7.47
C LEU A 45 -6.95 50.94 -7.66
N PRO A 46 -6.25 52.08 -7.70
CA PRO A 46 -6.94 53.36 -7.85
C PRO A 46 -7.68 53.43 -9.18
N ASN A 47 -8.84 54.09 -9.16
CA ASN A 47 -9.54 54.46 -10.38
C ASN A 47 -8.67 55.36 -11.23
N ARG A 48 -8.49 55.00 -12.50
CA ARG A 48 -7.80 55.88 -13.44
C ARG A 48 -8.50 57.24 -13.51
N VAL A 49 -9.83 57.24 -13.46
CA VAL A 49 -10.62 58.46 -13.47
C VAL A 49 -10.48 59.15 -12.12
N GLY A 50 -9.86 60.33 -12.12
CA GLY A 50 -9.60 61.09 -10.91
C GLY A 50 -8.18 61.02 -10.38
N LEU A 51 -7.35 60.14 -10.95
CA LEU A 51 -5.98 59.96 -10.45
C LEU A 51 -5.03 61.00 -11.05
N PRO A 52 -4.46 61.88 -10.24
CA PRO A 52 -3.54 62.89 -10.78
C PRO A 52 -2.29 62.23 -11.38
N ILE A 53 -1.69 62.94 -12.32
CA ILE A 53 -0.54 62.40 -13.05
C ILE A 53 0.65 62.17 -12.13
N ASN A 54 0.82 63.01 -11.10
CA ASN A 54 1.95 62.81 -10.19
C ASN A 54 1.75 61.63 -9.25
N GLN A 55 0.62 60.92 -9.35
CA GLN A 55 0.40 59.67 -8.62
C GLN A 55 0.13 58.50 -9.55
N ARG A 56 0.43 58.66 -10.85
CA ARG A 56 0.04 57.66 -11.83
C ARG A 56 0.98 56.45 -11.83
N PHE A 57 2.22 56.61 -11.40
CA PHE A 57 3.23 55.59 -11.59
C PHE A 57 3.99 55.32 -10.30
N ILE A 58 4.67 54.17 -10.27
CA ILE A 58 5.67 53.86 -9.26
C ILE A 58 6.87 53.28 -9.99
N LEU A 59 8.01 53.34 -9.31
CA LEU A 59 9.28 52.88 -9.86
C LEU A 59 9.79 51.67 -9.09
N VAL A 60 10.27 50.67 -9.82
CA VAL A 60 10.83 49.46 -9.24
C VAL A 60 12.28 49.36 -9.72
N GLU A 61 13.23 49.57 -8.82
CA GLU A 61 14.64 49.48 -9.18
C GLU A 61 15.14 48.07 -8.91
N LEU A 62 15.59 47.39 -9.98
CA LEU A 62 16.16 46.06 -9.88
C LEU A 62 17.67 46.14 -10.03
N SER A 63 18.39 45.37 -9.21
CA SER A 63 19.84 45.19 -9.37
C SER A 63 20.17 43.71 -9.18
N ASN A 64 21.34 43.32 -9.69
CA ASN A 64 21.76 41.93 -9.64
C ASN A 64 23.16 41.74 -9.04
N HIS A 65 23.73 40.55 -9.20
CA HIS A 65 25.05 40.28 -8.62
C HIS A 65 26.12 41.14 -9.26
N ALA A 66 26.01 41.42 -10.56
CA ALA A 66 26.98 42.25 -11.27
C ALA A 66 26.78 43.74 -11.02
N GLU A 67 25.91 44.11 -10.08
CA GLU A 67 25.52 45.50 -9.84
C GLU A 67 25.15 46.21 -11.15
N LEU A 68 24.48 45.51 -12.04
CA LEU A 68 23.72 46.18 -13.08
C LEU A 68 22.37 46.54 -12.50
N SER A 69 21.91 47.75 -12.80
CA SER A 69 20.67 48.26 -12.23
C SER A 69 19.76 48.78 -13.33
N VAL A 70 18.47 48.55 -13.15
CA VAL A 70 17.47 48.91 -14.15
C VAL A 70 16.20 49.27 -13.39
N THR A 71 15.46 50.25 -13.92
CA THR A 71 14.29 50.77 -13.23
C THR A 71 13.04 50.60 -14.10
N LEU A 72 12.16 49.70 -13.68
CA LEU A 72 10.87 49.54 -14.33
C LEU A 72 9.88 50.59 -13.84
N ALA A 73 8.98 51.01 -14.73
CA ALA A 73 7.90 51.92 -14.39
C ALA A 73 6.59 51.16 -14.46
N LEU A 74 5.80 51.24 -13.39
CA LEU A 74 4.54 50.52 -13.29
C LEU A 74 3.38 51.49 -13.23
N ASP A 75 2.37 51.25 -14.06
CA ASP A 75 1.11 52.00 -13.99
C ASP A 75 0.34 51.51 -12.77
N VAL A 76 0.06 52.41 -11.83
CA VAL A 76 -0.62 51.98 -10.60
C VAL A 76 -2.05 51.53 -10.87
N THR A 77 -2.68 51.97 -11.98
CA THR A 77 -4.06 51.61 -12.23
C THR A 77 -4.22 50.16 -12.67
N ASN A 78 -3.14 49.50 -13.11
CA ASN A 78 -3.20 48.11 -13.51
C ASN A 78 -1.96 47.30 -13.13
N ALA A 79 -1.01 47.90 -12.42
CA ALA A 79 0.20 47.25 -11.92
C ALA A 79 1.13 46.77 -13.02
N TYR A 80 0.92 47.20 -14.26
CA TYR A 80 1.67 46.66 -15.38
C TYR A 80 2.87 47.54 -15.74
N VAL A 81 3.91 46.92 -16.29
CA VAL A 81 5.11 47.64 -16.69
C VAL A 81 4.81 48.39 -17.99
N VAL A 82 5.13 49.69 -18.00
CA VAL A 82 4.95 50.51 -19.19
C VAL A 82 6.27 50.89 -19.84
N GLY A 83 7.39 50.60 -19.19
CA GLY A 83 8.69 50.98 -19.72
C GLY A 83 9.74 50.88 -18.64
N TYR A 84 10.95 51.27 -19.01
CA TYR A 84 12.06 51.13 -18.07
C TYR A 84 13.19 52.06 -18.46
N ARG A 85 14.01 52.38 -17.47
CA ARG A 85 15.21 53.20 -17.62
C ARG A 85 16.45 52.34 -17.39
N ALA A 86 17.49 52.60 -18.18
CA ALA A 86 18.80 51.97 -17.96
C ALA A 86 19.87 53.01 -18.29
N GLY A 87 20.60 53.45 -17.28
CA GLY A 87 21.59 54.49 -17.48
C GLY A 87 20.89 55.78 -17.87
N ASN A 88 21.33 56.39 -18.97
CA ASN A 88 20.67 57.57 -19.50
C ASN A 88 19.95 57.27 -20.81
N SER A 89 19.27 56.13 -20.85
CA SER A 89 18.33 55.79 -21.89
C SER A 89 17.08 55.20 -21.25
N ALA A 90 15.92 55.54 -21.80
CA ALA A 90 14.65 55.02 -21.32
C ALA A 90 13.83 54.50 -22.49
N TYR A 91 13.14 53.38 -22.28
CA TYR A 91 12.38 52.71 -23.32
C TYR A 91 10.96 52.47 -22.82
N PHE A 92 9.99 52.55 -23.72
CA PHE A 92 8.59 52.39 -23.36
C PHE A 92 7.87 51.52 -24.38
N PHE A 93 6.96 50.68 -23.88
CA PHE A 93 6.06 49.95 -24.77
C PHE A 93 5.18 50.92 -25.53
N HIS A 94 4.78 50.51 -26.73
CA HIS A 94 3.89 51.33 -27.53
C HIS A 94 2.59 51.54 -26.76
N PRO A 95 2.22 52.78 -26.44
CA PRO A 95 0.99 53.00 -25.67
C PRO A 95 -0.23 52.71 -26.51
N ASP A 96 -1.32 52.33 -25.83
CA ASP A 96 -2.54 51.94 -26.53
C ASP A 96 -3.22 53.15 -27.16
N ASN A 97 -3.24 54.26 -26.44
CA ASN A 97 -4.02 55.43 -26.83
C ASN A 97 -3.16 56.68 -26.68
N GLN A 98 -3.75 57.82 -27.02
CA GLN A 98 -3.02 59.06 -26.85
C GLN A 98 -2.83 59.44 -25.38
N GLU A 99 -3.80 59.24 -24.47
CA GLU A 99 -3.49 59.73 -23.12
C GLU A 99 -2.36 58.94 -22.48
N ASP A 100 -2.38 57.61 -22.59
CA ASP A 100 -1.26 56.88 -22.04
C ASP A 100 0.05 57.31 -22.68
N ALA A 101 0.00 57.70 -23.96
CA ALA A 101 1.20 58.24 -24.62
C ALA A 101 1.64 59.54 -23.94
N GLU A 102 0.69 60.39 -23.56
CA GLU A 102 1.04 61.61 -22.86
C GLU A 102 1.54 61.31 -21.46
N ALA A 103 0.91 60.35 -20.78
CA ALA A 103 1.26 60.12 -19.37
C ALA A 103 2.69 59.65 -19.21
N ILE A 104 3.23 58.87 -20.15
CA ILE A 104 4.59 58.37 -19.99
C ILE A 104 5.64 59.44 -20.25
N THR A 105 5.26 60.59 -20.81
CA THR A 105 6.18 61.72 -20.90
C THR A 105 6.58 62.25 -19.53
N HIS A 106 5.84 61.90 -18.48
CA HIS A 106 6.16 62.29 -17.12
C HIS A 106 7.10 61.32 -16.43
N LEU A 107 7.51 60.24 -17.11
CA LEU A 107 8.46 59.29 -16.57
C LEU A 107 9.87 59.59 -17.04
N PHE A 108 10.83 59.48 -16.12
CA PHE A 108 12.26 59.59 -16.45
C PHE A 108 12.55 60.84 -17.26
N THR A 109 12.07 61.99 -16.76
CA THR A 109 12.21 63.23 -17.50
C THR A 109 13.69 63.62 -17.67
N ASP A 110 14.52 63.27 -16.70
CA ASP A 110 15.94 63.64 -16.74
C ASP A 110 16.70 62.89 -17.84
N VAL A 111 16.18 61.76 -18.30
CA VAL A 111 16.93 60.89 -19.19
C VAL A 111 17.14 61.60 -20.53
N GLN A 112 18.33 61.42 -21.12
CA GLN A 112 18.63 62.15 -22.34
C GLN A 112 18.16 61.42 -23.60
N ASN A 113 18.04 60.11 -23.56
CA ASN A 113 17.54 59.32 -24.68
C ASN A 113 16.22 58.66 -24.29
N ARG A 114 15.19 58.91 -25.09
CA ARG A 114 13.86 58.35 -24.89
C ARG A 114 13.42 57.62 -26.15
N TYR A 115 12.92 56.39 -26.00
CA TYR A 115 12.43 55.66 -27.17
C TYR A 115 11.13 54.93 -26.85
N THR A 116 10.27 54.87 -27.85
CA THR A 116 9.02 54.12 -27.78
C THR A 116 9.12 52.97 -28.78
N PHE A 117 9.04 51.74 -28.29
CA PHE A 117 9.01 50.59 -29.18
C PHE A 117 7.77 50.65 -30.07
N ALA A 118 7.87 49.97 -31.23
CA ALA A 118 6.70 49.82 -32.08
C ALA A 118 5.72 48.79 -31.52
N PHE A 119 6.18 47.91 -30.63
CA PHE A 119 5.34 46.86 -30.06
C PHE A 119 4.84 47.25 -28.68
N GLY A 120 3.64 46.77 -28.34
CA GLY A 120 3.10 46.93 -27.01
C GLY A 120 3.66 45.89 -26.06
N GLY A 121 3.24 45.99 -24.80
CA GLY A 121 3.75 45.11 -23.78
C GLY A 121 2.86 43.94 -23.43
N ASN A 122 1.94 43.57 -24.31
CA ASN A 122 1.09 42.42 -24.06
C ASN A 122 1.86 41.12 -24.34
N TYR A 123 1.48 40.06 -23.62
CA TYR A 123 2.22 38.80 -23.71
C TYR A 123 2.23 38.24 -25.12
N ASP A 124 1.11 38.38 -25.84
CA ASP A 124 1.01 37.82 -27.19
C ASP A 124 2.10 38.35 -28.11
N ARG A 125 2.36 39.66 -28.06
CA ARG A 125 3.37 40.23 -28.95
C ARG A 125 4.77 39.98 -28.40
N LEU A 126 4.93 40.01 -27.07
CA LEU A 126 6.22 39.70 -26.49
C LEU A 126 6.63 38.25 -26.77
N GLU A 127 5.65 37.34 -26.74
CA GLU A 127 5.94 35.93 -26.99
C GLU A 127 6.44 35.70 -28.41
N GLN A 128 5.74 36.26 -29.40
CA GLN A 128 6.18 36.11 -30.77
C GLN A 128 7.52 36.79 -31.01
N LEU A 129 7.79 37.91 -30.33
CA LEU A 129 9.10 38.55 -30.46
C LEU A 129 10.18 37.75 -29.74
N ALA A 130 9.84 37.13 -28.62
CA ALA A 130 10.81 36.27 -27.93
C ALA A 130 10.98 34.93 -28.63
N GLY A 131 10.05 34.55 -29.51
CA GLY A 131 10.09 33.24 -30.12
C GLY A 131 9.67 32.12 -29.19
N ASN A 132 9.07 32.43 -28.05
CA ASN A 132 8.66 31.39 -27.12
C ASN A 132 7.49 31.87 -26.29
N LEU A 133 6.73 30.91 -25.77
CA LEU A 133 5.60 31.21 -24.91
C LEU A 133 6.03 31.28 -23.45
N ARG A 134 5.20 31.92 -22.64
CA ARG A 134 5.42 31.94 -21.19
C ARG A 134 5.59 30.54 -20.64
N GLU A 135 4.87 29.56 -21.22
CA GLU A 135 4.90 28.19 -20.74
C GLU A 135 6.29 27.57 -20.83
N ASN A 136 7.23 28.19 -21.55
CA ASN A 136 8.57 27.66 -21.69
C ASN A 136 9.65 28.63 -21.24
N ILE A 137 9.30 29.84 -20.81
CA ILE A 137 10.27 30.82 -20.33
C ILE A 137 10.39 30.67 -18.82
N GLU A 138 11.51 30.12 -18.37
CA GLU A 138 11.71 29.79 -16.97
C GLU A 138 11.75 31.06 -16.11
N LEU A 139 11.27 30.92 -14.87
CA LEU A 139 11.23 32.01 -13.92
C LEU A 139 12.03 31.65 -12.67
N GLY A 140 12.50 32.66 -11.98
CA GLY A 140 13.25 32.44 -10.76
C GLY A 140 14.27 33.56 -10.58
N ASN A 141 15.10 33.39 -9.55
CA ASN A 141 16.12 34.39 -9.29
C ASN A 141 17.10 34.50 -10.45
N GLY A 142 17.55 33.36 -10.96
CA GLY A 142 18.47 33.31 -12.07
C GLY A 142 17.95 34.04 -13.29
N PRO A 143 16.77 33.62 -13.78
CA PRO A 143 16.17 34.35 -14.91
C PRO A 143 15.99 35.84 -14.66
N LEU A 144 15.63 36.23 -13.44
CA LEU A 144 15.53 37.65 -13.13
C LEU A 144 16.88 38.33 -13.23
N GLU A 145 17.93 37.66 -12.74
CA GLU A 145 19.29 38.19 -12.89
C GLU A 145 19.63 38.44 -14.34
N GLU A 146 19.41 37.43 -15.18
CA GLU A 146 19.76 37.53 -16.60
C GLU A 146 18.88 38.55 -17.31
N ALA A 147 17.61 38.63 -16.92
CA ALA A 147 16.72 39.63 -17.50
C ALA A 147 17.20 41.04 -17.18
N ILE A 148 17.75 41.23 -15.98
CA ILE A 148 18.23 42.56 -15.59
C ILE A 148 19.41 42.97 -16.46
N SER A 149 20.36 42.07 -16.66
CA SER A 149 21.53 42.41 -17.47
C SER A 149 21.14 42.64 -18.92
N ALA A 150 20.25 41.81 -19.47
CA ALA A 150 19.83 41.99 -20.85
C ALA A 150 19.13 43.33 -21.03
N LEU A 151 18.28 43.70 -20.08
CA LEU A 151 17.65 45.02 -20.13
C LEU A 151 18.71 46.12 -20.06
N TYR A 152 19.70 45.95 -19.19
CA TYR A 152 20.72 46.98 -19.05
C TYR A 152 21.49 47.18 -20.36
N TYR A 153 21.89 46.08 -21.00
CA TYR A 153 22.76 46.20 -22.15
C TYR A 153 22.01 46.48 -23.44
N TYR A 154 20.68 46.62 -23.41
CA TYR A 154 19.96 46.93 -24.63
C TYR A 154 20.36 48.29 -25.21
N SER A 155 20.69 49.25 -24.34
CA SER A 155 21.21 50.53 -24.83
C SER A 155 22.50 50.31 -25.62
N THR A 156 23.41 49.51 -25.06
CA THR A 156 24.52 48.98 -25.82
C THR A 156 23.97 48.11 -26.95
N GLY A 157 24.79 47.83 -27.95
CA GLY A 157 24.27 46.95 -28.96
C GLY A 157 24.18 45.48 -28.60
N GLY A 158 24.32 45.13 -27.32
CA GLY A 158 24.51 43.75 -26.94
C GLY A 158 23.31 42.89 -26.61
N THR A 159 22.07 43.39 -26.68
CA THR A 159 20.89 42.58 -26.39
C THR A 159 20.02 42.53 -27.64
N GLN A 160 19.92 41.35 -28.23
CA GLN A 160 19.01 41.15 -29.36
C GLN A 160 17.55 41.21 -28.88
N LEU A 161 16.67 41.47 -29.85
CA LEU A 161 15.26 41.71 -29.53
C LEU A 161 14.56 40.52 -28.87
N PRO A 162 14.71 39.28 -29.34
CA PRO A 162 14.04 38.17 -28.62
C PRO A 162 14.45 38.07 -27.17
N THR A 163 15.74 38.26 -26.87
CA THR A 163 16.20 38.22 -25.48
C THR A 163 15.61 39.37 -24.67
N LEU A 164 15.49 40.55 -25.28
CA LEU A 164 14.80 41.66 -24.64
C LEU A 164 13.35 41.30 -24.34
N ALA A 165 12.62 40.81 -25.35
CA ALA A 165 11.23 40.44 -25.14
C ALA A 165 11.11 39.36 -24.06
N ARG A 166 12.03 38.40 -24.05
CA ARG A 166 12.04 37.38 -23.02
C ARG A 166 12.27 37.99 -21.65
N SER A 167 13.17 38.98 -21.56
CA SER A 167 13.44 39.63 -20.29
C SER A 167 12.22 40.40 -19.78
N PHE A 168 11.49 41.04 -20.69
CA PHE A 168 10.23 41.68 -20.30
C PHE A 168 9.25 40.66 -19.74
N ILE A 169 9.10 39.52 -20.43
CA ILE A 169 8.17 38.48 -19.97
C ILE A 169 8.56 38.00 -18.58
N ILE A 170 9.86 37.96 -18.28
CA ILE A 170 10.30 37.51 -16.96
C ILE A 170 9.94 38.54 -15.90
N CYS A 171 10.30 39.81 -16.14
CA CYS A 171 10.08 40.85 -15.14
C CYS A 171 8.60 41.08 -14.89
N ILE A 172 7.77 41.03 -15.93
CA ILE A 172 6.36 41.36 -15.77
C ILE A 172 5.67 40.34 -14.86
N GLN A 173 5.94 39.07 -15.09
CA GLN A 173 5.34 38.02 -14.28
C GLN A 173 5.87 38.07 -12.85
N MET A 174 7.19 38.20 -12.70
CA MET A 174 7.80 38.11 -11.38
C MET A 174 7.55 39.36 -10.54
N ILE A 175 7.10 40.44 -11.15
CA ILE A 175 6.86 41.68 -10.42
C ILE A 175 5.38 42.05 -10.49
N SER A 176 4.88 42.31 -11.71
CA SER A 176 3.50 42.78 -11.85
C SER A 176 2.51 41.68 -11.47
N GLU A 177 2.66 40.48 -12.03
CA GLU A 177 1.69 39.43 -11.76
C GLU A 177 1.76 38.96 -10.31
N ALA A 178 2.97 38.82 -9.77
CA ALA A 178 3.10 38.48 -8.36
C ALA A 178 2.44 39.52 -7.47
N ALA A 179 2.49 40.79 -7.87
CA ALA A 179 1.77 41.82 -7.12
C ALA A 179 0.27 41.60 -7.20
N ARG A 180 -0.23 41.19 -8.38
CA ARG A 180 -1.67 41.00 -8.57
C ARG A 180 -2.20 39.78 -7.83
N PHE A 181 -1.36 38.74 -7.67
CA PHE A 181 -1.79 37.44 -7.14
C PHE A 181 -0.83 36.96 -6.07
N GLN A 182 -1.33 36.72 -4.84
CA GLN A 182 -0.52 35.99 -3.86
C GLN A 182 -0.13 34.62 -4.39
N TYR A 183 -1.02 34.00 -5.17
CA TYR A 183 -0.74 32.69 -5.73
C TYR A 183 0.52 32.70 -6.58
N ILE A 184 0.62 33.67 -7.50
CA ILE A 184 1.79 33.75 -8.36
C ILE A 184 3.00 34.15 -7.54
N GLU A 185 2.82 35.00 -6.53
CA GLU A 185 3.93 35.35 -5.66
C GLU A 185 4.45 34.14 -4.92
N GLY A 186 3.54 33.27 -4.45
CA GLY A 186 3.97 32.04 -3.81
C GLY A 186 4.70 31.12 -4.77
N GLU A 187 4.30 31.12 -6.03
CA GLU A 187 5.02 30.36 -7.05
C GLU A 187 6.44 30.89 -7.22
N MET A 188 6.61 32.21 -7.18
CA MET A 188 7.97 32.78 -7.27
C MET A 188 8.76 32.49 -6.00
N ARG A 189 8.12 32.56 -4.83
CA ARG A 189 8.83 32.24 -3.60
C ARG A 189 9.26 30.78 -3.58
N THR A 190 8.51 29.90 -4.24
CA THR A 190 8.93 28.50 -4.35
C THR A 190 10.24 28.38 -5.11
N ARG A 191 10.35 29.10 -6.23
CA ARG A 191 11.57 29.05 -7.03
C ARG A 191 12.75 29.65 -6.28
N ILE A 192 12.55 30.80 -5.62
CA ILE A 192 13.63 31.41 -4.87
C ILE A 192 14.08 30.51 -3.72
N ARG A 193 13.12 29.88 -3.05
CA ARG A 193 13.41 29.08 -1.86
C ARG A 193 14.38 27.94 -2.17
N TYR A 194 14.22 27.29 -3.32
CA TYR A 194 15.00 26.12 -3.68
C TYR A 194 16.06 26.43 -4.72
N ASN A 195 16.29 27.71 -5.03
CA ASN A 195 17.18 28.12 -6.13
C ASN A 195 16.95 27.23 -7.36
N ARG A 196 15.72 27.21 -7.81
CA ARG A 196 15.38 26.53 -9.05
C ARG A 196 14.81 27.53 -10.04
N ARG A 197 14.90 27.21 -11.31
CA ARG A 197 14.20 27.96 -12.34
C ARG A 197 13.16 27.05 -12.96
N SER A 198 12.01 27.62 -13.29
CA SER A 198 10.88 26.82 -13.72
C SER A 198 9.93 27.71 -14.50
N ALA A 199 9.48 27.22 -15.65
CA ALA A 199 8.40 27.87 -16.36
C ALA A 199 7.13 27.81 -15.52
N PRO A 200 6.24 28.80 -15.65
CA PRO A 200 4.98 28.76 -14.90
C PRO A 200 4.05 27.69 -15.44
N ASP A 201 3.30 27.05 -14.53
CA ASP A 201 2.35 26.01 -14.92
C ASP A 201 1.05 26.65 -15.41
N PRO A 202 0.15 25.87 -16.01
CA PRO A 202 -1.08 26.48 -16.57
C PRO A 202 -1.92 27.26 -15.58
N SER A 203 -1.94 26.86 -14.30
CA SER A 203 -2.70 27.63 -13.32
C SER A 203 -2.23 29.08 -13.28
N VAL A 204 -0.90 29.28 -13.34
CA VAL A 204 -0.36 30.63 -13.34
C VAL A 204 -0.75 31.36 -14.63
N ILE A 205 -0.66 30.65 -15.76
CA ILE A 205 -0.93 31.27 -17.06
C ILE A 205 -2.38 31.71 -17.16
N THR A 206 -3.31 30.85 -16.73
N THR A 206 -3.31 30.84 -16.74
CA THR A 206 -4.72 31.18 -16.82
CA THR A 206 -4.73 31.19 -16.82
C THR A 206 -5.08 32.31 -15.86
C THR A 206 -5.06 32.34 -15.87
N LEU A 207 -4.46 32.33 -14.68
CA LEU A 207 -4.70 33.44 -13.75
C LEU A 207 -4.26 34.76 -14.36
N GLU A 208 -3.06 34.78 -14.96
CA GLU A 208 -2.59 35.98 -15.64
C GLU A 208 -3.55 36.40 -16.75
N ASN A 209 -4.03 35.43 -17.54
CA ASN A 209 -4.92 35.73 -18.65
C ASN A 209 -6.29 36.21 -18.19
N SER A 210 -6.71 35.87 -16.97
CA SER A 210 -8.06 36.11 -16.50
C SER A 210 -8.15 37.31 -15.56
N TRP A 211 -7.03 38.00 -15.32
CA TRP A 211 -7.00 39.02 -14.27
C TRP A 211 -8.06 40.11 -14.50
N GLY A 212 -8.18 40.58 -15.73
CA GLY A 212 -9.19 41.58 -16.03
C GLY A 212 -10.59 41.04 -15.79
N ARG A 213 -10.89 39.88 -16.36
CA ARG A 213 -12.22 39.28 -16.21
C ARG A 213 -12.53 38.95 -14.76
N LEU A 214 -11.53 38.49 -14.00
CA LEU A 214 -11.74 38.22 -12.59
C LEU A 214 -12.09 39.50 -11.84
N SER A 215 -11.42 40.61 -12.16
CA SER A 215 -11.72 41.88 -11.49
C SER A 215 -13.15 42.31 -11.76
N THR A 216 -13.63 42.10 -12.99
CA THR A 216 -14.98 42.52 -13.32
C THR A 216 -16.01 41.63 -12.64
N ALA A 217 -15.77 40.32 -12.64
CA ALA A 217 -16.71 39.38 -12.02
C ALA A 217 -16.84 39.64 -10.53
N ILE A 218 -15.72 39.91 -9.86
CA ILE A 218 -15.77 40.16 -8.41
C ILE A 218 -16.47 41.48 -8.13
N GLN A 219 -16.09 42.55 -8.82
CA GLN A 219 -16.65 43.86 -8.48
C GLN A 219 -18.11 43.98 -8.87
N GLU A 220 -18.58 43.21 -9.85
CA GLU A 220 -20.00 43.22 -10.20
C GLU A 220 -20.72 41.97 -9.73
N SER A 221 -20.17 41.26 -8.75
CA SER A 221 -20.85 40.11 -8.20
C SER A 221 -22.02 40.54 -7.31
N ASN A 222 -23.01 39.65 -7.19
CA ASN A 222 -24.10 39.86 -6.23
C ASN A 222 -23.70 39.17 -4.93
N GLN A 223 -23.13 39.94 -4.02
CA GLN A 223 -22.67 39.44 -2.72
C GLN A 223 -21.68 38.28 -2.88
N GLY A 224 -20.74 38.44 -3.81
CA GLY A 224 -19.71 37.45 -4.02
C GLY A 224 -20.02 36.43 -5.09
N ALA A 225 -21.30 36.21 -5.41
CA ALA A 225 -21.66 35.23 -6.42
C ALA A 225 -21.58 35.87 -7.80
N PHE A 226 -20.90 35.19 -8.72
CA PHE A 226 -20.68 35.74 -10.05
C PHE A 226 -21.92 35.55 -10.92
N ALA A 227 -22.10 36.47 -11.87
CA ALA A 227 -23.18 36.31 -12.84
C ALA A 227 -22.89 35.18 -13.82
N SER A 228 -21.61 34.95 -14.11
CA SER A 228 -21.14 33.91 -15.02
C SER A 228 -19.90 33.28 -14.43
N PRO A 229 -19.70 31.98 -14.63
CA PRO A 229 -18.48 31.34 -14.12
C PRO A 229 -17.25 31.79 -14.90
N ILE A 230 -16.11 31.76 -14.22
CA ILE A 230 -14.80 32.01 -14.82
C ILE A 230 -14.03 30.70 -14.78
N GLN A 231 -13.46 30.31 -15.92
CA GLN A 231 -12.77 29.03 -16.03
C GLN A 231 -11.28 29.22 -15.71
N LEU A 232 -10.81 28.53 -14.67
CA LEU A 232 -9.40 28.49 -14.32
C LEU A 232 -8.84 27.10 -14.60
N GLN A 233 -7.54 26.93 -14.34
CA GLN A 233 -6.86 25.67 -14.54
C GLN A 233 -6.08 25.30 -13.28
N ARG A 234 -6.10 24.01 -12.93
CA ARG A 234 -5.23 23.53 -11.87
C ARG A 234 -3.78 23.50 -12.36
N ARG A 235 -2.86 23.00 -11.53
CA ARG A 235 -1.46 22.99 -11.93
C ARG A 235 -1.19 21.95 -13.00
N ASN A 236 -1.88 20.82 -12.94
CA ASN A 236 -2.04 20.03 -14.15
C ASN A 236 -3.04 20.75 -15.07
N GLY A 237 -3.15 20.28 -16.31
CA GLY A 237 -3.98 21.00 -17.26
C GLY A 237 -5.42 21.18 -16.86
N SER A 238 -5.91 20.36 -15.90
CA SER A 238 -7.33 20.24 -15.64
C SER A 238 -8.02 21.58 -15.39
N LYS A 239 -9.18 21.76 -16.01
CA LYS A 239 -9.95 22.99 -15.91
C LYS A 239 -11.10 22.85 -14.92
N PHE A 240 -11.40 23.95 -14.23
CA PHE A 240 -12.54 24.02 -13.32
C PHE A 240 -13.15 25.42 -13.39
N SER A 241 -14.37 25.54 -12.87
CA SER A 241 -15.09 26.80 -12.91
C SER A 241 -15.20 27.40 -11.52
N VAL A 242 -15.19 28.73 -11.47
CA VAL A 242 -15.36 29.47 -10.22
C VAL A 242 -16.63 30.30 -10.33
N TYR A 243 -17.53 30.13 -9.37
CA TYR A 243 -18.80 30.86 -9.33
C TYR A 243 -18.88 31.88 -8.22
N ASP A 244 -17.90 31.91 -7.31
CA ASP A 244 -17.96 32.74 -6.13
C ASP A 244 -16.59 33.28 -5.79
N VAL A 245 -16.55 34.45 -5.15
CA VAL A 245 -15.30 35.10 -4.82
C VAL A 245 -14.53 34.36 -3.73
N SER A 246 -15.21 33.47 -2.98
CA SER A 246 -14.62 32.90 -1.77
C SER A 246 -13.30 32.19 -2.05
N ILE A 247 -13.22 31.41 -3.13
CA ILE A 247 -11.98 30.71 -3.41
C ILE A 247 -10.89 31.65 -3.93
N LEU A 248 -11.26 32.83 -4.45
CA LEU A 248 -10.28 33.76 -5.01
C LEU A 248 -9.69 34.71 -3.98
N ILE A 249 -10.29 34.81 -2.79
CA ILE A 249 -9.76 35.71 -1.76
C ILE A 249 -8.28 35.47 -1.47
N PRO A 250 -7.81 34.23 -1.27
CA PRO A 250 -6.37 34.02 -1.07
C PRO A 250 -5.57 33.96 -2.37
N ILE A 251 -6.21 34.11 -3.52
CA ILE A 251 -5.54 33.94 -4.80
C ILE A 251 -5.18 35.29 -5.43
N ILE A 252 -6.08 36.28 -5.35
CA ILE A 252 -5.89 37.59 -5.95
C ILE A 252 -5.66 38.63 -4.86
N ALA A 253 -4.64 39.46 -5.05
CA ALA A 253 -4.28 40.50 -4.09
C ALA A 253 -4.64 41.90 -4.55
N LEU A 254 -4.78 42.13 -5.85
CA LEU A 254 -5.17 43.43 -6.39
C LEU A 254 -6.10 43.22 -7.58
N MET A 255 -7.02 44.17 -7.75
CA MET A 255 -7.93 44.19 -8.89
C MET A 255 -7.85 45.54 -9.59
N VAL A 256 -7.94 45.53 -10.92
CA VAL A 256 -8.11 46.79 -11.64
C VAL A 256 -9.49 47.36 -11.32
N TYR A 257 -9.56 48.68 -11.14
CA TYR A 257 -10.83 49.33 -10.85
C TYR A 257 -11.79 49.16 -12.02
N ARG A 258 -13.02 48.76 -11.72
CA ARG A 258 -14.05 48.59 -12.73
C ARG A 258 -15.26 49.49 -12.54
N CYS A 259 -15.66 49.73 -11.29
CA CYS A 259 -16.88 50.48 -11.00
C CYS A 259 -16.93 50.77 -9.51
N ALA A 260 -17.89 51.59 -9.11
CA ALA A 260 -18.04 52.09 -7.75
C ALA A 260 -18.93 51.14 -6.94
N PRO A 261 -18.63 50.94 -5.64
CA PRO A 261 -19.43 50.09 -4.75
C PRO A 261 -20.84 50.63 -4.56
N VAL B 3 -21.73 53.14 -10.33
CA VAL B 3 -21.95 52.03 -9.40
C VAL B 3 -22.01 50.73 -10.21
N CYS B 4 -21.48 49.65 -9.65
CA CYS B 4 -21.47 48.38 -10.37
C CYS B 4 -22.87 47.81 -10.54
N MET B 5 -23.08 47.13 -11.66
CA MET B 5 -24.28 46.38 -11.88
C MET B 5 -24.43 45.31 -10.81
N ASP B 6 -25.67 45.13 -10.34
CA ASP B 6 -25.98 44.03 -9.44
C ASP B 6 -26.71 42.94 -10.21
N PRO B 7 -26.08 41.81 -10.49
CA PRO B 7 -26.74 40.75 -11.26
C PRO B 7 -27.63 39.91 -10.34
N GLU B 8 -28.33 38.97 -10.96
CA GLU B 8 -29.21 38.04 -10.24
C GLU B 8 -28.91 36.62 -10.72
N PRO B 9 -27.81 36.04 -10.26
CA PRO B 9 -27.44 34.70 -10.72
C PRO B 9 -28.29 33.63 -10.08
N ILE B 10 -28.58 32.60 -10.87
CA ILE B 10 -29.23 31.39 -10.37
C ILE B 10 -28.14 30.40 -9.98
N VAL B 11 -28.22 29.86 -8.78
CA VAL B 11 -27.09 29.12 -8.24
C VAL B 11 -27.58 28.20 -7.13
N ARG B 12 -26.84 27.12 -6.90
CA ARG B 12 -27.06 26.27 -5.75
C ARG B 12 -26.40 26.89 -4.51
N ILE B 13 -26.90 26.51 -3.35
CA ILE B 13 -26.30 26.92 -2.09
C ILE B 13 -25.86 25.65 -1.37
N VAL B 14 -24.55 25.44 -1.34
CA VAL B 14 -23.95 24.25 -0.73
C VAL B 14 -23.50 24.62 0.67
N GLY B 15 -23.70 23.69 1.60
CA GLY B 15 -23.33 23.91 2.99
C GLY B 15 -22.85 22.64 3.70
N ARG B 16 -23.43 22.38 4.87
CA ARG B 16 -22.89 21.38 5.79
C ARG B 16 -22.77 20.01 5.14
N ASN B 17 -21.60 19.41 5.29
CA ASN B 17 -21.21 18.14 4.67
C ASN B 17 -21.34 18.16 3.15
N GLY B 18 -21.37 19.35 2.55
CA GLY B 18 -21.45 19.42 1.11
C GLY B 18 -22.83 19.17 0.55
N LEU B 19 -23.86 19.20 1.39
CA LEU B 19 -25.23 19.05 0.90
C LEU B 19 -25.77 20.38 0.40
N CYS B 20 -26.84 20.29 -0.38
CA CYS B 20 -27.44 21.45 -1.04
C CYS B 20 -28.71 21.91 -0.32
N VAL B 21 -28.95 23.21 -0.36
CA VAL B 21 -30.17 23.81 0.18
C VAL B 21 -31.34 23.44 -0.72
N ASP B 22 -32.37 22.81 -0.14
CA ASP B 22 -33.36 22.08 -0.92
C ASP B 22 -34.77 22.30 -0.38
N VAL B 23 -35.69 22.66 -1.28
CA VAL B 23 -37.10 22.77 -0.92
C VAL B 23 -37.70 21.37 -0.88
N ARG B 24 -38.11 20.94 0.31
CA ARG B 24 -38.39 19.53 0.54
C ARG B 24 -39.43 18.97 -0.42
N ASP B 25 -39.08 17.87 -1.08
CA ASP B 25 -39.95 17.13 -2.01
C ASP B 25 -40.39 17.95 -3.21
N GLY B 26 -39.73 19.08 -3.44
CA GLY B 26 -40.13 19.93 -4.55
C GLY B 26 -41.52 20.52 -4.42
N ARG B 27 -42.07 20.59 -3.20
CA ARG B 27 -43.37 21.18 -2.97
C ARG B 27 -43.23 22.66 -2.66
N PHE B 28 -43.93 23.50 -3.41
CA PHE B 28 -43.85 24.93 -3.24
C PHE B 28 -45.10 25.51 -2.58
N HIS B 29 -45.73 24.72 -1.73
CA HIS B 29 -46.77 25.24 -0.84
C HIS B 29 -46.16 26.18 0.19
N ASN B 30 -46.86 27.28 0.46
CA ASN B 30 -46.42 28.24 1.47
C ASN B 30 -46.20 27.54 2.80
N GLY B 31 -45.00 27.68 3.35
CA GLY B 31 -44.67 27.10 4.62
C GLY B 31 -43.94 25.76 4.57
N ASN B 32 -43.73 25.20 3.38
CA ASN B 32 -42.98 23.96 3.27
C ASN B 32 -41.51 24.20 3.60
N ALA B 33 -40.92 23.24 4.30
CA ALA B 33 -39.62 23.46 4.91
C ALA B 33 -38.49 23.43 3.88
N ILE B 34 -37.44 24.18 4.17
CA ILE B 34 -36.17 24.09 3.47
C ILE B 34 -35.30 23.07 4.17
N GLN B 35 -34.52 22.30 3.42
CA GLN B 35 -33.77 21.20 3.99
C GLN B 35 -32.42 21.03 3.31
N LEU B 36 -31.55 20.30 3.99
CA LEU B 36 -30.35 19.74 3.38
C LEU B 36 -30.74 18.53 2.52
N TRP B 37 -30.06 18.39 1.39
CA TRP B 37 -30.28 17.26 0.50
C TRP B 37 -29.05 17.11 -0.39
N PRO B 38 -28.72 15.88 -0.81
CA PRO B 38 -27.59 15.72 -1.75
C PRO B 38 -27.78 16.60 -2.97
N CYS B 39 -26.67 17.16 -3.45
CA CYS B 39 -26.72 18.14 -4.53
C CYS B 39 -27.13 17.47 -5.83
N LYS B 40 -28.23 17.95 -6.42
CA LYS B 40 -28.71 17.38 -7.67
C LYS B 40 -27.83 17.84 -8.83
N SER B 41 -27.95 17.13 -9.95
CA SER B 41 -27.26 17.47 -11.19
C SER B 41 -28.27 17.56 -12.33
N ASN B 42 -29.31 18.36 -12.14
CA ASN B 42 -30.34 18.54 -13.16
C ASN B 42 -30.85 19.98 -13.07
N THR B 43 -31.99 20.23 -13.73
CA THR B 43 -32.59 21.55 -13.76
C THR B 43 -33.75 21.67 -12.77
N ASP B 44 -33.86 20.74 -11.81
CA ASP B 44 -34.91 20.82 -10.82
C ASP B 44 -34.85 22.15 -10.08
N ALA B 45 -36.00 22.82 -9.98
CA ALA B 45 -36.03 24.17 -9.44
C ALA B 45 -35.76 24.20 -7.95
N ASN B 46 -36.05 23.12 -7.22
CA ASN B 46 -36.03 23.19 -5.75
C ASN B 46 -34.63 23.31 -5.17
N GLN B 47 -33.58 23.23 -5.99
CA GLN B 47 -32.21 23.43 -5.53
C GLN B 47 -31.52 24.60 -6.22
N LEU B 48 -32.18 25.29 -7.14
CA LEU B 48 -31.59 26.41 -7.87
C LEU B 48 -32.20 27.71 -7.38
N TRP B 49 -31.37 28.60 -6.85
CA TRP B 49 -31.81 29.80 -6.14
C TRP B 49 -31.32 31.05 -6.87
N THR B 50 -32.24 32.00 -7.09
CA THR B 50 -31.92 33.28 -7.69
C THR B 50 -31.56 34.29 -6.60
N LEU B 51 -30.35 34.84 -6.66
CA LEU B 51 -29.90 35.85 -5.70
C LEU B 51 -30.40 37.21 -6.19
N LYS B 52 -31.54 37.65 -5.67
CA LYS B 52 -32.21 38.80 -6.26
C LYS B 52 -31.63 40.10 -5.71
N ARG B 53 -31.85 41.19 -6.47
CA ARG B 53 -31.28 42.49 -6.12
C ARG B 53 -31.86 43.08 -4.84
N ASP B 54 -33.08 42.69 -4.48
CA ASP B 54 -33.73 43.16 -3.25
C ASP B 54 -33.31 42.36 -2.00
N ASN B 55 -32.18 41.64 -2.05
CA ASN B 55 -31.69 40.82 -0.93
C ASN B 55 -32.61 39.63 -0.66
N THR B 56 -33.27 39.15 -1.70
CA THR B 56 -34.14 37.98 -1.61
C THR B 56 -33.48 36.80 -2.31
N ILE B 57 -33.76 35.59 -1.81
CA ILE B 57 -33.20 34.36 -2.37
C ILE B 57 -34.38 33.49 -2.80
N ARG B 58 -34.54 33.29 -4.11
CA ARG B 58 -35.78 32.77 -4.68
C ARG B 58 -35.59 31.42 -5.34
N SER B 59 -36.56 30.53 -5.11
CA SER B 59 -36.64 29.23 -5.78
C SER B 59 -38.01 29.12 -6.42
N ASN B 60 -38.03 28.91 -7.74
CA ASN B 60 -39.27 28.75 -8.50
C ASN B 60 -40.24 29.92 -8.27
N GLY B 61 -39.70 31.12 -8.10
CA GLY B 61 -40.49 32.31 -7.90
C GLY B 61 -40.86 32.63 -6.46
N LYS B 62 -40.57 31.74 -5.53
CA LYS B 62 -40.94 31.94 -4.13
C LYS B 62 -39.69 32.14 -3.28
N CYS B 63 -39.90 32.62 -2.05
CA CYS B 63 -38.85 33.19 -1.24
C CYS B 63 -38.38 32.25 -0.13
N LEU B 64 -37.06 32.17 0.04
CA LEU B 64 -36.49 31.61 1.27
C LEU B 64 -36.87 32.49 2.45
N THR B 65 -37.63 31.93 3.39
CA THR B 65 -38.28 32.73 4.41
C THR B 65 -38.11 32.09 5.79
N THR B 66 -37.66 32.87 6.76
CA THR B 66 -37.59 32.39 8.13
C THR B 66 -38.97 32.42 8.77
N TYR B 67 -39.26 31.39 9.57
CA TYR B 67 -40.54 31.31 10.25
C TYR B 67 -40.69 32.38 11.32
N GLY B 68 -39.58 32.81 11.91
CA GLY B 68 -39.63 33.84 12.93
C GLY B 68 -38.25 34.41 13.20
N TYR B 69 -38.15 35.18 14.28
CA TYR B 69 -36.93 35.90 14.62
C TYR B 69 -36.32 35.41 15.93
N SER B 70 -36.60 34.18 16.34
CA SER B 70 -36.04 33.57 17.52
C SER B 70 -35.15 32.38 17.14
N PRO B 71 -34.11 32.09 17.92
CA PRO B 71 -33.23 30.98 17.55
C PRO B 71 -33.95 29.64 17.54
N GLY B 72 -33.71 28.86 16.48
CA GLY B 72 -34.22 27.51 16.38
C GLY B 72 -35.49 27.36 15.55
N VAL B 73 -36.10 28.45 15.09
CA VAL B 73 -37.27 28.33 14.23
C VAL B 73 -36.82 27.94 12.83
N TYR B 74 -37.70 27.25 12.10
CA TYR B 74 -37.30 26.67 10.84
C TYR B 74 -37.42 27.68 9.70
N VAL B 75 -36.82 27.34 8.57
CA VAL B 75 -36.81 28.18 7.38
C VAL B 75 -37.63 27.48 6.31
N MET B 76 -38.52 28.23 5.66
CA MET B 76 -39.52 27.68 4.76
C MET B 76 -39.45 28.38 3.41
N ILE B 77 -40.20 27.86 2.45
CA ILE B 77 -40.48 28.55 1.20
C ILE B 77 -41.81 29.27 1.35
N TYR B 78 -41.88 30.50 0.85
CA TYR B 78 -43.08 31.30 1.02
C TYR B 78 -43.19 32.30 -0.12
N ASP B 79 -44.43 32.62 -0.49
CA ASP B 79 -44.69 33.62 -1.50
C ASP B 79 -44.07 34.95 -1.07
N CYS B 80 -43.35 35.58 -2.00
CA CYS B 80 -42.53 36.72 -1.64
C CYS B 80 -43.36 37.94 -1.28
N ASN B 81 -44.51 38.11 -1.93
CA ASN B 81 -45.38 39.26 -1.64
C ASN B 81 -46.17 39.07 -0.35
N THR B 82 -46.56 37.85 -0.01
CA THR B 82 -47.41 37.61 1.16
C THR B 82 -46.62 37.56 2.46
N ALA B 83 -45.41 37.00 2.41
CA ALA B 83 -44.60 36.87 3.62
C ALA B 83 -44.26 38.24 4.19
N ALA B 84 -43.96 38.26 5.48
CA ALA B 84 -43.40 39.45 6.09
C ALA B 84 -42.07 39.78 5.42
N THR B 85 -41.96 41.02 4.93
CA THR B 85 -40.82 41.41 4.10
C THR B 85 -39.49 41.13 4.79
N ASP B 86 -39.39 41.47 6.08
CA ASP B 86 -38.16 41.27 6.82
C ASP B 86 -37.78 39.80 6.91
N ALA B 87 -38.76 38.90 6.85
CA ALA B 87 -38.48 37.47 6.93
C ALA B 87 -37.96 36.88 5.63
N THR B 88 -38.01 37.63 4.53
CA THR B 88 -37.52 37.17 3.24
C THR B 88 -36.15 37.74 2.87
N ARG B 89 -35.58 38.61 3.71
CA ARG B 89 -34.36 39.32 3.37
C ARG B 89 -33.15 38.61 3.98
N TRP B 90 -32.09 38.47 3.17
CA TRP B 90 -30.87 37.81 3.61
C TRP B 90 -29.65 38.55 3.07
N GLN B 91 -28.54 38.42 3.78
CA GLN B 91 -27.23 38.89 3.33
C GLN B 91 -26.29 37.70 3.28
N ILE B 92 -25.56 37.57 2.17
CA ILE B 92 -24.55 36.52 2.02
C ILE B 92 -23.20 37.17 2.26
N TRP B 93 -22.57 36.83 3.37
CA TRP B 93 -21.29 37.44 3.73
C TRP B 93 -20.15 36.67 3.07
N ASP B 94 -19.03 37.36 2.87
CA ASP B 94 -17.88 36.75 2.20
C ASP B 94 -17.26 35.61 3.00
N ASN B 95 -17.56 35.50 4.29
CA ASN B 95 -17.05 34.41 5.11
C ASN B 95 -18.07 33.27 5.26
N GLY B 96 -18.97 33.11 4.29
CA GLY B 96 -19.87 31.98 4.23
C GLY B 96 -21.13 32.04 5.07
N THR B 97 -21.38 33.16 5.73
CA THR B 97 -22.57 33.31 6.56
C THR B 97 -23.71 33.87 5.72
N ILE B 98 -24.91 33.32 5.92
CA ILE B 98 -26.14 33.82 5.32
C ILE B 98 -27.03 34.26 6.47
N ILE B 99 -27.19 35.58 6.64
CA ILE B 99 -27.80 36.14 7.84
C ILE B 99 -29.09 36.85 7.48
N ASN B 100 -30.08 36.74 8.38
CA ASN B 100 -31.34 37.48 8.25
C ASN B 100 -31.19 38.78 9.00
N PRO B 101 -31.15 39.93 8.30
CA PRO B 101 -30.80 41.19 8.99
C PRO B 101 -31.74 41.57 10.13
N ARG B 102 -33.05 41.38 9.95
CA ARG B 102 -33.98 41.81 10.98
C ARG B 102 -33.72 41.09 12.30
N SER B 103 -33.50 39.78 12.25
CA SER B 103 -33.31 39.00 13.46
C SER B 103 -31.85 38.86 13.88
N SER B 104 -30.91 39.19 13.00
CA SER B 104 -29.48 38.95 13.22
C SER B 104 -29.18 37.47 13.46
N LEU B 105 -30.13 36.61 13.10
CA LEU B 105 -29.96 35.17 13.18
C LEU B 105 -29.46 34.65 11.85
N VAL B 106 -28.82 33.49 11.91
CA VAL B 106 -28.03 32.98 10.81
C VAL B 106 -28.60 31.64 10.35
N LEU B 107 -28.62 31.44 9.02
CA LEU B 107 -29.11 30.20 8.45
C LEU B 107 -28.23 29.04 8.88
N ALA B 108 -28.85 27.93 9.26
CA ALA B 108 -28.13 26.84 9.89
C ALA B 108 -28.79 25.50 9.60
N ALA B 109 -27.96 24.45 9.61
CA ALA B 109 -28.38 23.06 9.49
C ALA B 109 -27.87 22.38 10.76
N THR B 110 -28.72 22.30 11.79
CA THR B 110 -28.28 21.81 13.09
C THR B 110 -28.02 20.31 13.12
N SER B 111 -28.26 19.59 12.02
CA SER B 111 -27.78 18.22 11.89
C SER B 111 -27.19 18.05 10.50
N GLY B 112 -26.40 16.99 10.33
CA GLY B 112 -25.66 16.77 9.11
C GLY B 112 -26.27 15.78 8.15
N ASN B 113 -27.40 15.18 8.50
CA ASN B 113 -28.03 14.16 7.68
C ASN B 113 -28.84 14.78 6.56
N SER B 114 -28.98 14.02 5.46
CA SER B 114 -29.91 14.41 4.41
C SER B 114 -31.32 14.49 4.96
N GLY B 115 -32.04 15.54 4.60
CA GLY B 115 -33.38 15.75 5.11
C GLY B 115 -33.45 16.62 6.35
N THR B 116 -32.33 17.16 6.83
CA THR B 116 -32.32 18.01 8.01
C THR B 116 -33.06 19.32 7.72
N THR B 117 -34.03 19.65 8.57
CA THR B 117 -34.75 20.91 8.44
C THR B 117 -33.83 22.08 8.73
N LEU B 118 -33.74 23.02 7.79
CA LEU B 118 -32.93 24.20 8.00
C LEU B 118 -33.59 25.13 9.03
N THR B 119 -32.76 25.83 9.80
CA THR B 119 -33.22 26.75 10.82
C THR B 119 -32.39 28.03 10.75
N VAL B 120 -32.79 29.00 11.57
CA VAL B 120 -31.96 30.16 11.89
C VAL B 120 -31.47 29.98 13.32
N GLN B 121 -30.19 30.28 13.54
CA GLN B 121 -29.57 30.13 14.85
C GLN B 121 -28.75 31.36 15.16
N THR B 122 -28.38 31.48 16.43
CA THR B 122 -27.44 32.52 16.83
C THR B 122 -26.09 32.27 16.17
N ASN B 123 -25.49 33.32 15.64
CA ASN B 123 -24.25 33.20 14.89
C ASN B 123 -23.10 32.84 15.81
N ILE B 124 -22.45 31.70 15.57
CA ILE B 124 -21.24 31.34 16.30
C ILE B 124 -20.17 30.94 15.27
N TYR B 125 -20.46 31.21 14.00
CA TYR B 125 -19.56 30.88 12.89
C TYR B 125 -19.19 29.40 12.89
N ALA B 126 -20.18 28.55 13.14
CA ALA B 126 -19.94 27.12 13.14
C ALA B 126 -20.07 26.55 11.74
N VAL B 127 -19.54 25.33 11.56
CA VAL B 127 -19.67 24.64 10.28
C VAL B 127 -21.14 24.52 9.89
N SER B 128 -22.02 24.30 10.86
CA SER B 128 -23.45 24.17 10.56
C SER B 128 -24.05 25.45 10.00
N GLN B 129 -23.29 26.54 9.94
CA GLN B 129 -23.77 27.82 9.45
C GLN B 129 -22.89 28.35 8.31
N GLY B 130 -22.16 27.47 7.63
CA GLY B 130 -21.30 27.87 6.53
C GLY B 130 -21.92 27.48 5.20
N TRP B 131 -22.00 28.45 4.30
CA TRP B 131 -22.68 28.25 3.02
C TRP B 131 -21.84 28.86 1.90
N LEU B 132 -22.10 28.37 0.69
CA LEU B 132 -21.39 28.82 -0.49
C LEU B 132 -22.34 28.84 -1.68
N PRO B 133 -22.59 30.00 -2.29
CA PRO B 133 -23.40 30.03 -3.52
C PRO B 133 -22.53 29.66 -4.72
N THR B 134 -22.83 28.51 -5.32
CA THR B 134 -22.01 27.97 -6.40
C THR B 134 -22.80 26.90 -7.14
N ASN B 135 -22.41 26.68 -8.39
CA ASN B 135 -22.87 25.52 -9.15
C ASN B 135 -21.93 24.33 -9.01
N ASN B 136 -20.77 24.50 -8.38
CA ASN B 136 -19.88 23.38 -8.07
C ASN B 136 -20.47 22.55 -6.92
N THR B 137 -20.71 21.28 -7.18
CA THR B 137 -21.23 20.39 -6.15
C THR B 137 -20.16 19.50 -5.55
N GLN B 138 -18.91 19.68 -5.94
CA GLN B 138 -17.80 18.94 -5.37
C GLN B 138 -16.86 19.90 -4.66
N PRO B 139 -16.38 19.55 -3.47
CA PRO B 139 -15.39 20.41 -2.80
C PRO B 139 -14.10 20.42 -3.60
N PHE B 140 -13.33 21.49 -3.43
CA PHE B 140 -12.09 21.65 -4.18
C PHE B 140 -10.97 20.96 -3.43
N VAL B 141 -10.35 19.98 -4.08
CA VAL B 141 -9.28 19.21 -3.49
C VAL B 141 -7.97 19.93 -3.80
N THR B 142 -7.17 20.17 -2.77
CA THR B 142 -5.96 20.94 -2.96
C THR B 142 -4.89 20.52 -1.95
N THR B 143 -3.66 20.82 -2.33
CA THR B 143 -2.54 20.83 -1.39
C THR B 143 -2.52 22.19 -0.69
N ILE B 144 -2.09 22.19 0.57
CA ILE B 144 -2.00 23.40 1.37
C ILE B 144 -0.54 23.58 1.77
N VAL B 145 0.17 24.47 1.09
CA VAL B 145 1.58 24.73 1.33
C VAL B 145 1.71 25.84 2.36
N GLY B 146 2.71 25.72 3.24
CA GLY B 146 2.94 26.72 4.26
C GLY B 146 4.41 27.01 4.52
N LEU B 147 4.76 27.14 5.79
CA LEU B 147 6.12 27.54 6.18
C LEU B 147 7.18 26.71 5.47
N TYR B 148 8.18 27.39 4.93
CA TYR B 148 9.31 26.79 4.24
C TYR B 148 8.87 25.97 3.03
N GLY B 149 7.71 26.27 2.47
CA GLY B 149 7.23 25.49 1.35
C GLY B 149 6.83 24.06 1.69
N LEU B 150 6.68 23.73 2.97
CA LEU B 150 6.24 22.39 3.35
C LEU B 150 4.73 22.30 3.30
N CYS B 151 4.23 21.06 3.29
CA CYS B 151 2.84 20.76 2.99
C CYS B 151 2.10 20.32 4.25
N LEU B 152 0.89 20.81 4.42
CA LEU B 152 0.02 20.33 5.48
C LEU B 152 -0.28 18.85 5.24
N GLN B 153 -0.10 18.03 6.28
CA GLN B 153 -0.18 16.58 6.14
C GLN B 153 -1.05 16.01 7.24
N ALA B 154 -2.00 15.15 6.87
CA ALA B 154 -2.88 14.45 7.79
C ALA B 154 -2.27 13.10 8.12
N ASN B 155 -2.25 12.74 9.40
CA ASN B 155 -1.77 11.42 9.84
C ASN B 155 -2.70 10.98 10.96
N SER B 156 -3.73 10.22 10.59
CA SER B 156 -4.82 9.87 11.50
C SER B 156 -5.37 11.11 12.18
N GLY B 157 -5.30 11.15 13.51
CA GLY B 157 -5.78 12.32 14.23
C GLY B 157 -4.85 13.51 14.16
N GLN B 158 -3.57 13.28 13.88
CA GLN B 158 -2.57 14.34 13.98
C GLN B 158 -2.41 15.09 12.65
N VAL B 159 -2.07 16.37 12.77
CA VAL B 159 -1.77 17.23 11.62
C VAL B 159 -0.42 17.87 11.85
N TRP B 160 0.38 17.95 10.80
CA TRP B 160 1.63 18.69 10.87
C TRP B 160 2.01 19.10 9.46
N ILE B 161 3.21 19.66 9.33
CA ILE B 161 3.71 20.11 8.05
C ILE B 161 4.98 19.33 7.73
N GLU B 162 5.14 18.95 6.47
CA GLU B 162 6.22 18.04 6.11
C GLU B 162 6.56 18.24 4.64
N ASP B 163 7.73 17.74 4.25
CA ASP B 163 8.19 17.85 2.87
C ASP B 163 7.11 17.43 1.87
N CYS B 164 6.82 18.32 0.93
CA CYS B 164 5.78 18.05 -0.05
C CYS B 164 6.18 16.91 -0.97
N SER B 165 5.23 16.03 -1.27
CA SER B 165 5.41 15.05 -2.32
C SER B 165 4.05 14.74 -2.91
N SER B 166 3.89 14.97 -4.21
CA SER B 166 2.63 14.68 -4.89
C SER B 166 2.31 13.19 -4.84
N LYS B 168 1.35 11.99 -2.14
CA LYS B 168 0.79 11.53 -0.86
C LYS B 168 -0.62 12.04 -0.68
N ALA B 169 -1.59 11.12 -0.68
CA ALA B 169 -2.97 11.50 -0.41
C ALA B 169 -3.14 12.07 0.99
N GLU B 170 -2.20 11.77 1.89
CA GLU B 170 -2.20 12.38 3.22
C GLU B 170 -2.00 13.90 3.16
N GLN B 171 -1.48 14.43 2.05
CA GLN B 171 -1.26 15.85 1.88
C GLN B 171 -2.33 16.52 1.02
N GLN B 172 -3.38 15.79 0.64
CA GLN B 172 -4.49 16.35 -0.12
C GLN B 172 -5.62 16.72 0.83
N TRP B 173 -6.28 17.85 0.55
CA TRP B 173 -7.32 18.34 1.43
C TRP B 173 -8.54 18.76 0.61
N ALA B 174 -9.72 18.47 1.16
CA ALA B 174 -10.99 18.80 0.52
C ALA B 174 -11.56 20.03 1.23
N LEU B 175 -11.70 21.13 0.48
CA LEU B 175 -12.28 22.36 1.02
C LEU B 175 -13.79 22.35 0.75
N TYR B 176 -14.56 22.03 1.79
CA TYR B 176 -16.00 21.91 1.69
C TYR B 176 -16.67 23.28 1.78
N ALA B 177 -17.88 23.36 1.20
CA ALA B 177 -18.60 24.63 1.14
C ALA B 177 -19.04 25.14 2.51
N ASP B 178 -19.07 24.28 3.52
CA ASP B 178 -19.44 24.70 4.87
C ASP B 178 -18.26 25.31 5.64
N GLY B 179 -17.12 25.47 4.99
CA GLY B 179 -15.94 26.03 5.62
C GLY B 179 -15.03 25.02 6.30
N SER B 180 -15.38 23.74 6.30
CA SER B 180 -14.52 22.74 6.90
C SER B 180 -13.39 22.38 5.94
N ILE B 181 -12.27 21.96 6.52
CA ILE B 181 -11.11 21.49 5.76
C ILE B 181 -10.92 20.01 6.09
N ARG B 182 -11.12 19.15 5.10
CA ARG B 182 -11.21 17.73 5.38
C ARG B 182 -10.05 16.97 4.75
N PRO B 183 -9.50 15.99 5.45
CA PRO B 183 -8.48 15.13 4.83
C PRO B 183 -9.08 14.34 3.67
N GLN B 184 -8.36 14.32 2.55
CA GLN B 184 -8.92 13.70 1.34
C GLN B 184 -9.24 12.23 1.56
N GLN B 185 -8.46 11.54 2.39
CA GLN B 185 -8.65 10.11 2.57
C GLN B 185 -9.87 9.76 3.42
N ASN B 186 -10.36 10.69 4.26
CA ASN B 186 -11.56 10.40 5.05
C ASN B 186 -12.34 11.69 5.22
N ARG B 187 -13.36 11.88 4.38
CA ARG B 187 -14.13 13.11 4.36
C ARG B 187 -15.16 13.21 5.47
N ASP B 188 -15.25 12.20 6.35
CA ASP B 188 -16.06 12.33 7.55
C ASP B 188 -15.35 13.12 8.63
N ASN B 189 -14.07 13.40 8.45
CA ASN B 189 -13.25 14.04 9.47
C ASN B 189 -12.80 15.42 9.02
N CYS B 190 -12.45 16.25 10.00
CA CYS B 190 -12.38 17.68 9.81
C CYS B 190 -11.16 18.22 10.54
N LEU B 191 -10.49 19.21 9.94
CA LEU B 191 -9.49 19.96 10.68
C LEU B 191 -10.17 20.69 11.83
N THR B 192 -9.72 20.41 13.06
CA THR B 192 -10.49 20.78 14.25
C THR B 192 -9.58 21.35 15.33
N SER B 193 -10.01 22.46 15.92
CA SER B 193 -9.43 22.98 17.15
C SER B 193 -10.45 22.74 18.25
N ASP B 194 -10.08 21.89 19.21
CA ASP B 194 -11.03 21.50 20.24
C ASP B 194 -11.52 22.69 21.07
N SER B 195 -10.91 23.87 20.92
CA SER B 195 -11.26 25.01 21.74
C SER B 195 -10.59 26.27 21.21
N ASN B 196 -10.98 27.41 21.78
CA ASN B 196 -10.56 28.75 21.37
C ASN B 196 -9.23 29.20 21.97
N ILE B 197 -8.69 28.47 22.96
CA ILE B 197 -7.47 28.91 23.62
C ILE B 197 -6.31 29.01 22.65
N ARG B 198 -5.50 30.04 22.84
CA ARG B 198 -4.29 30.15 22.05
C ARG B 198 -3.36 28.98 22.38
N GLU B 199 -2.59 28.56 21.38
CA GLU B 199 -1.69 27.41 21.43
C GLU B 199 -2.41 26.07 21.55
N THR B 200 -3.72 26.01 21.37
CA THR B 200 -4.37 24.71 21.31
C THR B 200 -3.91 23.99 20.06
N VAL B 201 -3.64 22.70 20.19
CA VAL B 201 -3.10 21.93 19.06
C VAL B 201 -4.25 21.55 18.13
N VAL B 202 -4.11 21.89 16.86
CA VAL B 202 -5.13 21.54 15.87
C VAL B 202 -4.95 20.09 15.47
N LYS B 203 -6.06 19.37 15.37
CA LYS B 203 -6.05 17.95 15.06
C LYS B 203 -7.15 17.64 14.05
N ILE B 204 -7.31 16.36 13.74
CA ILE B 204 -8.37 15.87 12.87
C ILE B 204 -9.34 15.03 13.71
N LEU B 205 -10.61 15.41 13.70
CA LEU B 205 -11.67 14.70 14.37
C LEU B 205 -12.89 14.65 13.46
N SER B 206 -13.86 13.83 13.88
CA SER B 206 -15.14 13.72 13.19
C SER B 206 -15.78 15.09 12.96
N CYS B 207 -16.42 15.25 11.79
CA CYS B 207 -17.13 16.49 11.49
C CYS B 207 -18.51 16.51 12.13
N GLY B 208 -18.84 15.51 12.96
CA GLY B 208 -20.13 15.38 13.60
C GLY B 208 -20.68 16.63 14.23
N PRO B 209 -19.95 17.23 15.17
CA PRO B 209 -20.48 18.42 15.85
C PRO B 209 -20.58 19.65 14.96
N ALA B 210 -19.85 19.69 13.84
CA ALA B 210 -19.84 20.84 12.93
C ALA B 210 -19.66 22.15 13.70
N SER B 211 -18.63 22.16 14.55
CA SER B 211 -18.46 23.18 15.57
C SER B 211 -17.85 24.45 15.00
N SER B 212 -17.73 25.46 15.88
CA SER B 212 -17.01 26.67 15.51
C SER B 212 -15.51 26.39 15.34
N GLY B 213 -14.98 25.42 16.09
CA GLY B 213 -13.59 25.06 15.94
C GLY B 213 -13.26 24.31 14.67
N GLN B 214 -14.25 24.05 13.81
CA GLN B 214 -14.05 23.28 12.60
C GLN B 214 -14.19 24.11 11.32
N ARG B 215 -14.43 25.41 11.45
CA ARG B 215 -14.71 26.27 10.29
C ARG B 215 -13.53 27.20 10.05
N TRP B 216 -13.09 27.30 8.79
CA TRP B 216 -11.90 28.05 8.45
C TRP B 216 -12.12 28.86 7.18
N MET B 217 -11.43 30.00 7.09
CA MET B 217 -11.48 30.85 5.91
C MET B 217 -10.07 31.27 5.51
N PHE B 218 -9.74 31.05 4.25
CA PHE B 218 -8.48 31.53 3.69
C PHE B 218 -8.58 33.04 3.48
N LYS B 219 -7.82 33.81 4.26
CA LYS B 219 -7.88 35.26 4.20
C LYS B 219 -6.99 35.81 3.08
N ASN B 220 -7.27 37.04 2.69
CA ASN B 220 -6.51 37.68 1.62
C ASN B 220 -5.05 37.89 2.00
N ASP B 221 -4.70 37.90 3.28
CA ASP B 221 -3.32 38.07 3.71
C ASP B 221 -2.54 36.76 3.78
N GLY B 222 -3.13 35.64 3.36
CA GLY B 222 -2.46 34.37 3.35
C GLY B 222 -2.64 33.55 4.60
N THR B 223 -3.31 34.06 5.62
CA THR B 223 -3.55 33.29 6.83
C THR B 223 -4.82 32.45 6.68
N ILE B 224 -4.88 31.39 7.46
CA ILE B 224 -6.06 30.53 7.53
C ILE B 224 -6.71 30.78 8.88
N LEU B 225 -7.91 31.36 8.86
CA LEU B 225 -8.54 31.93 10.05
C LEU B 225 -9.67 31.06 10.54
N ASN B 226 -9.71 30.84 11.85
CA ASN B 226 -10.87 30.26 12.52
C ASN B 226 -11.75 31.42 12.98
N LEU B 227 -12.94 31.53 12.38
CA LEU B 227 -13.69 32.78 12.45
C LEU B 227 -14.21 33.07 13.86
N TYR B 228 -14.62 32.05 14.60
CA TYR B 228 -15.21 32.32 15.91
C TYR B 228 -14.17 32.82 16.90
N SER B 229 -12.98 32.23 16.89
CA SER B 229 -11.94 32.64 17.83
C SER B 229 -11.18 33.87 17.36
N GLY B 230 -11.07 34.06 16.05
CA GLY B 230 -10.21 35.10 15.52
C GLY B 230 -8.75 34.73 15.47
N LEU B 231 -8.39 33.52 15.88
CA LEU B 231 -7.01 33.02 15.79
C LEU B 231 -6.79 32.31 14.46
N VAL B 232 -5.52 32.17 14.08
CA VAL B 232 -5.14 31.63 12.78
C VAL B 232 -4.28 30.39 12.98
N LEU B 233 -4.15 29.60 11.91
CA LEU B 233 -3.27 28.44 11.95
C LEU B 233 -1.81 28.85 11.97
N ASP B 234 -1.02 28.10 12.71
CA ASP B 234 0.32 28.52 13.07
C ASP B 234 1.16 27.27 13.27
N VAL B 235 2.29 27.19 12.57
CA VAL B 235 3.24 26.12 12.80
C VAL B 235 4.04 26.49 14.04
N ARG B 236 3.83 25.73 15.12
CA ARG B 236 4.27 26.15 16.45
C ARG B 236 5.77 26.42 16.47
N ALA B 237 6.14 27.55 17.10
CA ALA B 237 7.53 27.99 17.23
C ALA B 237 8.22 28.12 15.88
N SER B 238 7.44 28.18 14.81
CA SER B 238 7.97 28.18 13.45
C SER B 238 8.93 27.01 13.23
N ASP B 239 8.65 25.89 13.90
CA ASP B 239 9.53 24.72 13.87
C ASP B 239 8.74 23.51 13.41
N PRO B 240 8.88 23.11 12.16
CA PRO B 240 8.12 21.94 11.67
C PRO B 240 8.40 20.66 12.42
N SER B 241 9.60 20.51 13.00
CA SER B 241 9.94 19.27 13.67
C SER B 241 9.11 19.03 14.93
N LEU B 242 8.50 20.07 15.48
CA LEU B 242 7.62 19.88 16.61
C LEU B 242 6.33 19.15 16.24
N LYS B 243 5.98 19.14 14.95
CA LYS B 243 4.78 18.47 14.45
C LYS B 243 3.53 18.97 15.17
N GLN B 244 3.45 20.29 15.34
CA GLN B 244 2.35 20.93 16.05
C GLN B 244 1.86 22.09 15.22
N ILE B 245 0.60 22.01 14.78
CA ILE B 245 -0.10 23.15 14.19
C ILE B 245 -1.11 23.63 15.22
N ILE B 246 -1.05 24.92 15.56
CA ILE B 246 -1.85 25.46 16.67
C ILE B 246 -2.67 26.66 16.20
N LEU B 247 -3.70 26.96 17.00
CA LEU B 247 -4.34 28.26 16.96
C LEU B 247 -3.43 29.29 17.63
N TYR B 248 -3.35 30.49 17.03
CA TYR B 248 -2.48 31.51 17.60
C TYR B 248 -2.91 32.88 17.13
N PRO B 249 -2.84 33.90 17.97
CA PRO B 249 -3.21 35.25 17.52
C PRO B 249 -2.35 35.69 16.35
N LEU B 250 -2.92 36.56 15.53
CA LEU B 250 -2.31 36.91 14.25
C LEU B 250 -1.09 37.80 14.49
N HIS B 251 0.07 37.34 14.03
CA HIS B 251 1.23 38.22 13.91
C HIS B 251 1.77 38.30 12.48
N GLY B 252 1.36 37.41 11.58
CA GLY B 252 1.68 37.51 10.17
C GLY B 252 3.02 36.95 9.74
N ASP B 253 3.82 36.41 10.66
CA ASP B 253 5.13 35.89 10.32
C ASP B 253 4.98 34.62 9.46
N PRO B 254 6.06 34.16 8.81
CA PRO B 254 5.91 33.08 7.82
C PRO B 254 5.28 31.80 8.34
N ASN B 255 5.36 31.52 9.63
CA ASN B 255 4.74 30.29 10.15
C ASN B 255 3.22 30.41 10.25
N GLN B 256 2.63 31.53 9.84
CA GLN B 256 1.18 31.67 9.74
C GLN B 256 0.72 31.92 8.31
N ILE B 257 1.62 31.83 7.33
CA ILE B 257 1.27 32.07 5.93
C ILE B 257 1.10 30.72 5.23
N TRP B 258 0.01 30.60 4.48
CA TRP B 258 -0.33 29.37 3.78
C TRP B 258 -0.75 29.72 2.36
N LEU B 259 -0.78 28.71 1.50
CA LEU B 259 -1.27 28.93 0.15
C LEU B 259 -1.94 27.67 -0.37
N PRO B 260 -3.18 27.77 -0.87
CA PRO B 260 -3.83 26.59 -1.46
C PRO B 260 -3.35 26.33 -2.88
N LEU B 261 -2.39 25.42 -3.03
CA LEU B 261 -1.85 25.08 -4.34
C LEU B 261 -2.75 24.04 -4.99
N PHE B 262 -3.63 24.49 -5.87
CA PHE B 262 -4.51 23.59 -6.60
C PHE B 262 -3.80 23.11 -7.85
N GLN C 3 25.92 29.12 11.47
CA GLN C 3 26.57 28.55 12.63
C GLN C 3 26.12 29.28 13.89
N LEU C 4 26.08 28.54 14.99
CA LEU C 4 25.56 29.02 16.27
C LEU C 4 26.44 28.49 17.38
N ALA C 5 26.74 29.33 18.36
CA ALA C 5 27.52 28.94 19.53
C ALA C 5 26.85 29.46 20.79
N GLU C 6 26.82 28.64 21.83
CA GLU C 6 26.19 29.01 23.09
C GLU C 6 27.22 29.58 24.06
N SER C 7 26.73 30.14 25.15
CA SER C 7 27.56 30.70 26.21
C SER C 7 26.67 30.92 27.43
N GLY C 8 27.27 31.40 28.52
CA GLY C 8 26.52 31.77 29.69
C GLY C 8 25.98 30.63 30.53
N GLY C 9 26.46 29.41 30.31
CA GLY C 9 25.99 28.27 31.08
C GLY C 9 26.80 28.02 32.35
N LEU C 11 26.59 27.06 36.95
CA LEU C 11 26.04 26.44 38.15
C LEU C 11 25.49 27.49 39.10
N VAL C 12 24.31 27.23 39.64
CA VAL C 12 23.72 28.06 40.70
C VAL C 12 22.66 27.23 41.40
N GLN C 13 22.25 27.66 42.59
CA GLN C 13 21.34 26.90 43.42
C GLN C 13 19.91 26.98 42.88
N ALA C 14 19.00 26.25 43.51
CA ALA C 14 17.60 26.30 43.11
C ALA C 14 17.00 27.66 43.49
N GLY C 15 16.26 28.26 42.54
CA GLY C 15 15.66 29.56 42.74
C GLY C 15 16.47 30.74 42.23
N GLY C 16 17.64 30.49 41.63
CA GLY C 16 18.51 31.52 41.10
C GLY C 16 18.09 32.07 39.75
N SER C 17 19.05 32.66 39.03
CA SER C 17 18.86 33.21 37.69
C SER C 17 20.09 32.96 36.83
N LEU C 18 19.90 32.61 35.55
CA LEU C 18 21.00 32.64 34.60
C LEU C 18 20.48 32.94 33.18
N ARG C 19 21.21 33.77 32.46
CA ARG C 19 20.88 34.16 31.09
C ARG C 19 21.85 33.50 30.12
N LEU C 20 21.30 32.74 29.17
CA LEU C 20 22.10 32.13 28.12
C LEU C 20 22.11 33.01 26.88
N SER C 21 23.28 33.12 26.25
CA SER C 21 23.42 33.81 24.98
C SER C 21 23.56 32.80 23.85
N CYS C 22 23.37 33.28 22.62
CA CYS C 22 23.57 32.45 21.44
C CYS C 22 24.07 33.36 20.32
N ALA C 23 25.39 33.33 20.10
CA ALA C 23 25.98 34.15 19.05
C ALA C 23 25.89 33.43 17.70
N ALA C 24 25.34 34.13 16.71
CA ALA C 24 25.24 33.61 15.36
C ALA C 24 26.37 34.18 14.50
N SER C 25 26.75 33.41 13.47
CA SER C 25 27.78 33.89 12.55
C SER C 25 27.17 34.85 11.51
N GLY C 26 26.25 34.35 10.70
CA GLY C 26 25.54 35.18 9.75
C GLY C 26 24.51 36.06 10.43
N SER C 30 18.33 36.29 11.29
CA SER C 30 17.22 37.18 10.97
C SER C 30 16.22 36.48 10.05
N ASP C 31 16.74 35.75 9.06
CA ASP C 31 15.91 34.84 8.26
C ASP C 31 15.43 33.65 9.05
N TYR C 32 16.01 33.39 10.22
CA TYR C 32 15.85 32.13 10.94
C TYR C 32 14.86 32.30 12.08
N ALA C 33 13.94 31.36 12.20
CA ALA C 33 13.25 31.19 13.46
C ALA C 33 14.24 30.57 14.44
N MET C 34 14.18 31.00 15.70
CA MET C 34 15.13 30.50 16.69
C MET C 34 14.38 29.93 17.87
N GLY C 35 15.01 28.94 18.51
CA GLY C 35 14.42 28.26 19.65
C GLY C 35 15.49 27.68 20.54
N TRP C 36 15.07 27.31 21.75
CA TRP C 36 15.94 26.66 22.73
C TRP C 36 15.44 25.25 23.00
N PHE C 37 16.37 24.31 23.14
CA PHE C 37 16.07 22.93 23.45
C PHE C 37 16.95 22.48 24.61
N ARG C 38 16.52 21.43 25.31
CA ARG C 38 17.25 20.98 26.49
C ARG C 38 17.17 19.47 26.71
N GLU C 44 15.83 12.68 25.74
CA GLU C 44 15.88 13.21 24.38
C GLU C 44 15.83 14.74 24.40
N ARG C 45 16.24 15.38 23.31
CA ARG C 45 16.11 16.84 23.23
C ARG C 45 14.63 17.21 23.26
N ASP C 46 14.31 18.23 24.04
CA ASP C 46 12.94 18.65 24.24
C ASP C 46 12.83 20.15 23.98
N PHE C 47 11.71 20.55 23.39
CA PHE C 47 11.45 21.95 23.12
C PHE C 47 11.29 22.72 24.43
N VAL C 48 11.95 23.87 24.52
CA VAL C 48 11.85 24.76 25.67
C VAL C 48 11.17 26.08 25.28
N ALA C 49 11.68 26.75 24.26
CA ALA C 49 11.12 28.03 23.84
C ALA C 49 11.49 28.25 22.38
N GLY C 50 10.66 29.03 21.69
CA GLY C 50 10.92 29.37 20.31
C GLY C 50 10.36 30.73 19.98
N ILE C 51 10.93 31.34 18.93
CA ILE C 51 10.50 32.66 18.49
C ILE C 51 10.65 32.73 16.98
N THR C 52 9.70 33.39 16.32
CA THR C 52 9.72 33.54 14.89
C THR C 52 10.84 34.50 14.47
N SER C 53 11.08 34.57 13.15
CA SER C 53 12.21 35.32 12.63
C SER C 53 12.14 36.79 13.02
N SER C 54 11.04 37.47 12.68
CA SER C 54 10.86 38.88 13.02
C SER C 54 10.56 39.10 14.50
N GLY C 55 10.45 38.05 15.30
CA GLY C 55 9.78 38.19 16.55
C GLY C 55 8.28 38.25 16.31
N GLY C 56 7.55 38.69 17.33
CA GLY C 56 6.12 38.77 17.25
C GLY C 56 5.42 37.48 17.58
N GLY C 57 6.09 36.34 17.42
CA GLY C 57 5.60 35.09 17.95
C GLY C 57 6.61 34.47 18.88
N THR C 58 6.25 34.31 20.15
CA THR C 58 7.03 33.53 21.11
C THR C 58 6.16 32.38 21.61
N TYR C 59 6.73 31.18 21.62
CA TYR C 59 6.03 29.96 21.98
C TYR C 59 6.86 29.23 23.01
N TYR C 60 6.24 28.89 24.13
CA TYR C 60 6.94 28.29 25.26
C TYR C 60 6.43 26.89 25.55
N ALA C 61 7.33 26.02 25.98
CA ALA C 61 6.93 24.72 26.48
C ALA C 61 6.14 24.89 27.77
N ASP C 62 5.25 23.94 28.03
CA ASP C 62 4.36 24.08 29.18
C ASP C 62 5.12 24.03 30.50
N SER C 63 6.13 23.15 30.59
CA SER C 63 6.93 23.03 31.80
C SER C 63 7.54 24.37 32.19
N VAL C 64 8.13 25.09 31.22
CA VAL C 64 8.91 26.28 31.50
C VAL C 64 8.10 27.57 31.35
N LYS C 65 6.80 27.47 31.09
CA LYS C 65 6.01 28.67 30.83
C LYS C 65 5.80 29.45 32.13
N GLY C 66 5.89 30.77 32.03
CA GLY C 66 5.82 31.62 33.20
C GLY C 66 7.11 31.76 33.97
N ARG C 67 8.19 31.10 33.53
CA ARG C 67 9.46 31.16 34.23
C ARG C 67 10.59 31.56 33.28
N PHE C 68 10.47 31.19 32.00
CA PHE C 68 11.50 31.43 30.99
C PHE C 68 11.04 32.49 30.00
N THR C 69 11.99 33.29 29.51
CA THR C 69 11.73 34.36 28.56
C THR C 69 12.73 34.25 27.42
N ILE C 70 12.24 33.92 26.21
CA ILE C 70 13.08 33.96 25.02
C ILE C 70 12.99 35.34 24.38
N THR C 71 14.15 35.88 23.98
CA THR C 71 14.21 37.12 23.23
C THR C 71 15.24 36.98 22.12
N ARG C 72 15.19 37.91 21.17
CA ARG C 72 16.12 37.95 20.06
C ARG C 72 16.39 39.40 19.69
N ASP C 73 17.44 39.59 18.89
CA ASP C 73 17.84 40.94 18.47
C ASP C 73 18.61 40.76 17.17
N ASN C 74 17.94 41.05 16.05
CA ASN C 74 18.46 40.71 14.73
C ASN C 74 19.48 41.70 14.19
N TYR C 75 19.62 42.86 14.83
CA TYR C 75 20.72 43.77 14.50
C TYR C 75 22.01 43.44 15.23
N LYS C 76 21.96 42.54 16.22
CA LYS C 76 23.14 42.01 16.86
C LYS C 76 23.33 40.53 16.57
N ASN C 77 22.33 39.86 15.99
CA ASN C 77 22.41 38.45 15.60
C ASN C 77 22.68 37.55 16.81
N THR C 78 21.98 37.83 17.91
CA THR C 78 22.12 37.08 19.15
C THR C 78 20.75 36.70 19.68
N LEU C 79 20.64 35.48 20.19
CA LEU C 79 19.43 34.99 20.84
C LEU C 79 19.67 34.78 22.33
N TYR C 80 18.65 35.09 23.13
CA TYR C 80 18.74 35.02 24.58
C TYR C 80 17.75 33.99 25.11
N LEU C 81 18.02 33.53 26.33
CA LEU C 81 17.04 32.76 27.11
C LEU C 81 17.19 33.18 28.57
N GLN C 82 16.25 33.96 29.06
CA GLN C 82 16.21 34.31 30.48
C GLN C 82 15.58 33.17 31.25
N MET C 83 16.26 32.71 32.31
CA MET C 83 15.82 31.55 33.09
C MET C 83 15.71 31.97 34.55
N ASP C 84 14.49 32.33 34.98
CA ASP C 84 14.22 32.73 36.35
C ASP C 84 13.56 31.58 37.10
N SER C 85 13.72 31.59 38.42
CA SER C 85 13.12 30.61 39.31
C SER C 85 13.45 29.18 38.87
N LEU C 86 14.75 28.90 38.82
CA LEU C 86 15.20 27.61 38.34
C LEU C 86 15.01 26.54 39.40
N LYS C 87 14.80 25.32 38.95
CA LYS C 87 14.60 24.16 39.80
C LYS C 87 15.62 23.09 39.41
N PRO C 88 15.86 22.10 40.27
CA PRO C 88 16.70 20.96 39.85
C PRO C 88 16.20 20.29 38.59
N GLU C 89 14.92 20.50 38.23
CA GLU C 89 14.35 19.96 37.00
C GLU C 89 14.92 20.61 35.75
N ASP C 90 15.48 21.81 35.85
CA ASP C 90 16.03 22.48 34.68
C ASP C 90 17.42 22.01 34.32
N THR C 91 18.09 21.28 35.20
CA THR C 91 19.46 20.83 34.93
C THR C 91 19.49 19.94 33.70
N ALA C 92 20.21 20.39 32.68
CA ALA C 92 20.33 19.68 31.41
C ALA C 92 21.28 20.41 30.49
N VAL C 93 21.57 19.82 29.33
CA VAL C 93 22.29 20.52 28.27
C VAL C 93 21.30 21.37 27.49
N TYR C 94 21.58 22.66 27.37
CA TYR C 94 20.70 23.59 26.68
C TYR C 94 21.31 23.95 25.32
N TYR C 95 20.59 23.62 24.25
CA TYR C 95 21.02 23.90 22.89
C TYR C 95 20.19 25.03 22.30
N CYS C 96 20.80 25.79 21.39
CA CYS C 96 20.11 26.72 20.53
C CYS C 96 19.87 26.10 19.16
N LYS C 97 18.76 26.45 18.53
CA LYS C 97 18.36 25.84 17.27
C LYS C 97 17.75 26.89 16.36
N GLY C 98 18.02 26.76 15.06
CA GLY C 98 17.42 27.64 14.07
C GLY C 98 16.86 26.86 12.89
N THR C 99 15.78 27.39 12.32
CA THR C 99 15.14 26.80 11.15
C THR C 99 15.04 27.84 10.05
N ALA C 100 15.25 27.40 8.80
CA ALA C 100 15.37 28.30 7.66
C ALA C 100 14.75 27.65 6.42
N ASP C 101 14.86 28.36 5.29
CA ASP C 101 14.08 28.11 4.09
C ASP C 101 14.75 27.19 3.07
N GLY C 102 16.03 26.89 3.19
CA GLY C 102 16.72 26.15 2.14
C GLY C 102 16.26 24.72 1.87
N SER C 103 17.09 23.96 1.15
CA SER C 103 16.75 22.61 0.69
C SER C 103 17.51 21.57 1.50
N SER C 104 16.83 20.49 1.86
CA SER C 104 17.42 19.38 2.60
C SER C 104 16.44 18.20 2.54
N SER C 105 16.83 17.10 3.19
CA SER C 105 15.92 15.96 3.32
C SER C 105 14.71 16.32 4.18
N LEU C 106 14.89 17.20 5.17
CA LEU C 106 13.75 17.78 5.88
C LEU C 106 12.85 18.55 4.93
N GLY C 107 13.43 19.21 3.93
CA GLY C 107 12.75 20.23 3.18
C GLY C 107 12.96 21.63 3.72
N TYR C 108 13.75 21.78 4.79
CA TYR C 108 14.07 23.07 5.39
C TYR C 108 15.34 22.88 6.20
N LEU C 109 16.00 24.00 6.51
CA LEU C 109 17.30 23.95 7.19
C LEU C 109 17.15 23.96 8.70
N GLU C 110 17.99 23.17 9.36
CA GLU C 110 18.06 23.12 10.81
C GLU C 110 19.53 23.23 11.20
N VAL C 111 19.89 24.31 11.88
CA VAL C 111 21.24 24.51 12.38
C VAL C 111 21.18 24.48 13.90
N TRP C 112 22.08 23.71 14.51
CA TRP C 112 22.09 23.54 15.95
C TRP C 112 23.28 24.29 16.55
N GLY C 113 23.46 24.12 17.86
CA GLY C 113 24.61 24.64 18.57
C GLY C 113 25.39 23.50 19.19
N GLN C 114 26.48 23.86 19.86
CA GLN C 114 27.31 22.83 20.46
C GLN C 114 26.86 22.47 21.88
N GLY C 115 26.06 23.31 22.52
CA GLY C 115 25.46 23.04 23.80
C GLY C 115 26.20 23.71 24.95
N THR C 116 25.46 24.07 25.99
CA THR C 116 26.03 24.63 27.21
C THR C 116 25.42 23.93 28.41
N LEU C 117 26.27 23.55 29.36
CA LEU C 117 25.80 22.82 30.53
C LEU C 117 25.25 23.78 31.57
N VAL C 118 24.10 23.42 32.13
CA VAL C 118 23.55 24.12 33.30
C VAL C 118 23.27 23.07 34.37
N THR C 119 23.67 23.37 35.61
CA THR C 119 23.41 22.51 36.75
C THR C 119 22.82 23.37 37.85
N VAL C 120 21.74 22.88 38.46
CA VAL C 120 21.04 23.65 39.49
C VAL C 120 21.03 22.91 40.82
N GLN D 5 -20.64 -56.04 3.94
CA GLN D 5 -19.57 -55.92 4.92
C GLN D 5 -18.60 -54.85 4.43
N TYR D 6 -18.34 -53.86 5.29
CA TYR D 6 -17.57 -52.70 4.87
C TYR D 6 -16.12 -53.07 4.55
N PRO D 7 -15.47 -52.32 3.66
CA PRO D 7 -14.07 -52.62 3.32
C PRO D 7 -13.16 -52.52 4.52
N ILE D 8 -12.15 -53.40 4.55
CA ILE D 8 -11.21 -53.49 5.66
C ILE D 8 -9.79 -53.21 5.16
N ILE D 9 -9.06 -52.38 5.91
CA ILE D 9 -7.64 -52.12 5.68
C ILE D 9 -6.88 -52.55 6.94
N ASN D 10 -5.74 -53.20 6.74
CA ASN D 10 -4.97 -53.80 7.84
C ASN D 10 -3.63 -53.11 8.02
N PHE D 11 -3.23 -52.92 9.27
CA PHE D 11 -1.90 -52.44 9.61
C PHE D 11 -1.44 -53.14 10.88
N THR D 12 -0.15 -53.49 10.91
CA THR D 12 0.45 -54.06 12.11
C THR D 12 1.67 -53.24 12.50
N THR D 13 1.83 -53.02 13.80
CA THR D 13 3.05 -52.40 14.31
C THR D 13 4.20 -53.39 14.38
N ALA D 14 3.93 -54.69 14.30
CA ALA D 14 4.98 -55.70 14.31
C ALA D 14 5.85 -55.56 13.07
N GLY D 15 7.07 -55.05 13.25
CA GLY D 15 7.98 -54.87 12.13
C GLY D 15 7.54 -53.82 11.14
N ALA D 16 6.78 -52.83 11.60
CA ALA D 16 6.29 -51.79 10.70
C ALA D 16 7.44 -50.93 10.20
N THR D 17 7.38 -50.55 8.92
CA THR D 17 8.40 -49.74 8.29
C THR D 17 7.78 -48.47 7.72
N VAL D 18 8.65 -47.59 7.24
CA VAL D 18 8.21 -46.42 6.48
C VAL D 18 7.29 -46.84 5.35
N GLN D 19 7.72 -47.85 4.58
CA GLN D 19 6.96 -48.28 3.42
C GLN D 19 5.63 -48.90 3.81
N SER D 20 5.63 -49.78 4.82
CA SER D 20 4.38 -50.44 5.20
C SER D 20 3.38 -49.43 5.73
N TYR D 21 3.87 -48.40 6.45
CA TYR D 21 2.96 -47.36 6.92
C TYR D 21 2.41 -46.55 5.77
N THR D 22 3.25 -46.25 4.76
CA THR D 22 2.80 -45.47 3.62
C THR D 22 1.74 -46.23 2.83
N ASN D 23 1.98 -47.51 2.55
CA ASN D 23 1.00 -48.33 1.86
C ASN D 23 -0.31 -48.38 2.63
N PHE D 24 -0.22 -48.40 3.97
CA PHE D 24 -1.41 -48.43 4.80
C PHE D 24 -2.24 -47.16 4.64
N ILE D 25 -1.60 -46.00 4.79
CA ILE D 25 -2.32 -44.73 4.66
C ILE D 25 -2.82 -44.54 3.24
N ARG D 26 -2.01 -44.93 2.25
CA ARG D 26 -2.46 -44.91 0.86
C ARG D 26 -3.73 -45.73 0.69
N ALA D 27 -3.73 -46.95 1.22
CA ALA D 27 -4.89 -47.82 1.10
C ALA D 27 -6.11 -47.20 1.75
N VAL D 28 -5.92 -46.57 2.93
CA VAL D 28 -7.04 -45.98 3.64
C VAL D 28 -7.66 -44.85 2.82
N ARG D 29 -6.82 -43.97 2.27
CA ARG D 29 -7.35 -42.89 1.45
C ARG D 29 -8.06 -43.44 0.22
N GLY D 30 -7.53 -44.52 -0.36
CA GLY D 30 -8.16 -45.14 -1.51
C GLY D 30 -9.55 -45.67 -1.24
N ARG D 31 -9.84 -46.05 0.01
CA ARG D 31 -11.18 -46.51 0.36
C ARG D 31 -12.04 -45.41 0.99
N LEU D 32 -11.43 -44.30 1.40
CA LEU D 32 -12.20 -43.19 1.96
C LEU D 32 -12.96 -42.44 0.87
N THR D 33 -12.31 -42.17 -0.26
CA THR D 33 -12.98 -41.44 -1.32
C THR D 33 -12.59 -42.00 -2.69
N THR D 34 -13.46 -41.73 -3.65
CA THR D 34 -13.29 -42.18 -5.03
C THR D 34 -12.11 -41.51 -5.74
N GLY D 35 -11.69 -40.33 -5.32
CA GLY D 35 -10.67 -39.59 -6.04
C GLY D 35 -11.17 -38.84 -7.26
N ALA D 36 -12.43 -39.01 -7.64
CA ALA D 36 -13.00 -38.35 -8.80
C ALA D 36 -13.44 -36.91 -8.53
N ASP D 37 -13.63 -36.54 -7.26
CA ASP D 37 -13.96 -35.16 -6.90
C ASP D 37 -12.71 -34.50 -6.35
N VAL D 38 -12.12 -33.62 -7.14
CA VAL D 38 -10.87 -32.96 -6.80
C VAL D 38 -11.06 -31.46 -7.01
N ARG D 39 -10.74 -30.65 -5.99
CA ARG D 39 -10.78 -29.20 -6.09
C ARG D 39 -9.37 -28.65 -5.92
N HIS D 40 -8.88 -27.92 -6.92
CA HIS D 40 -7.54 -27.32 -6.87
C HIS D 40 -6.51 -28.37 -6.47
N GLU D 41 -6.60 -29.51 -7.15
CA GLU D 41 -5.73 -30.69 -7.01
C GLU D 41 -5.79 -31.35 -5.63
N ILE D 42 -6.83 -31.10 -4.84
CA ILE D 42 -6.97 -31.71 -3.52
C ILE D 42 -8.22 -32.57 -3.50
N PRO D 43 -8.12 -33.89 -3.26
CA PRO D 43 -9.31 -34.75 -3.27
C PRO D 43 -10.32 -34.38 -2.20
N VAL D 44 -11.59 -34.64 -2.51
CA VAL D 44 -12.72 -34.38 -1.63
C VAL D 44 -13.35 -35.72 -1.25
N LEU D 45 -13.69 -35.87 0.03
CA LEU D 45 -14.41 -37.03 0.51
C LEU D 45 -15.85 -37.03 -0.03
N PRO D 46 -16.54 -38.17 0.02
CA PRO D 46 -17.91 -38.21 -0.53
C PRO D 46 -18.85 -37.27 0.22
N ASN D 47 -19.77 -36.69 -0.54
CA ASN D 47 -20.91 -35.96 0.02
C ASN D 47 -21.71 -36.90 0.92
N ARG D 48 -21.92 -36.47 2.17
CA ARG D 48 -22.81 -37.21 3.07
C ARG D 48 -24.22 -37.29 2.48
N VAL D 49 -24.68 -36.21 1.85
CA VAL D 49 -26.00 -36.19 1.23
C VAL D 49 -25.93 -37.04 -0.05
N GLY D 50 -26.67 -38.15 -0.06
CA GLY D 50 -26.66 -39.08 -1.18
C GLY D 50 -25.83 -40.32 -0.98
N LEU D 51 -25.05 -40.40 0.09
CA LEU D 51 -24.14 -41.51 0.31
C LEU D 51 -24.92 -42.65 0.98
N PRO D 52 -25.09 -43.79 0.31
CA PRO D 52 -25.85 -44.89 0.92
C PRO D 52 -25.17 -45.44 2.17
N ILE D 53 -25.98 -46.04 3.03
CA ILE D 53 -25.48 -46.51 4.32
C ILE D 53 -24.44 -47.61 4.15
N ASN D 54 -24.58 -48.47 3.12
CA ASN D 54 -23.61 -49.53 2.93
C ASN D 54 -22.28 -49.04 2.36
N GLN D 55 -22.13 -47.74 2.13
CA GLN D 55 -20.86 -47.14 1.74
C GLN D 55 -20.41 -46.07 2.72
N ARG D 56 -21.03 -46.01 3.90
CA ARG D 56 -20.80 -44.92 4.85
C ARG D 56 -19.48 -45.07 5.61
N PHE D 57 -19.00 -46.31 5.79
CA PHE D 57 -17.90 -46.57 6.73
C PHE D 57 -16.83 -47.42 6.06
N ILE D 58 -15.65 -47.39 6.68
CA ILE D 58 -14.58 -48.34 6.38
C ILE D 58 -13.99 -48.82 7.69
N LEU D 59 -13.37 -50.00 7.66
CA LEU D 59 -12.77 -50.59 8.86
C LEU D 59 -11.25 -50.64 8.73
N VAL D 60 -10.59 -50.31 9.84
CA VAL D 60 -9.14 -50.36 9.94
C VAL D 60 -8.81 -51.34 11.05
N GLU D 61 -8.25 -52.49 10.68
CA GLU D 61 -7.87 -53.50 11.66
C GLU D 61 -6.41 -53.29 12.05
N LEU D 62 -6.17 -53.04 13.34
CA LEU D 62 -4.84 -52.87 13.87
C LEU D 62 -4.42 -54.14 14.61
N SER D 63 -3.15 -54.51 14.47
CA SER D 63 -2.52 -55.56 15.26
C SER D 63 -1.17 -55.07 15.74
N ASN D 64 -0.68 -55.70 16.81
CA ASN D 64 0.60 -55.33 17.39
C ASN D 64 1.49 -56.57 17.55
N HIS D 65 2.59 -56.43 18.29
CA HIS D 65 3.51 -57.55 18.45
C HIS D 65 2.87 -58.70 19.23
N ALA D 66 2.00 -58.40 20.20
CA ALA D 66 1.33 -59.42 20.98
C ALA D 66 0.16 -60.06 20.25
N GLU D 67 0.01 -59.78 18.95
CA GLU D 67 -1.15 -60.18 18.16
C GLU D 67 -2.46 -59.90 18.89
N LEU D 68 -2.50 -58.76 19.59
CA LEU D 68 -3.78 -58.18 19.96
C LEU D 68 -4.30 -57.42 18.75
N SER D 69 -5.58 -57.57 18.47
CA SER D 69 -6.14 -56.98 17.26
C SER D 69 -7.38 -56.18 17.61
N VAL D 70 -7.55 -55.06 16.91
CA VAL D 70 -8.64 -54.13 17.18
C VAL D 70 -9.04 -53.51 15.86
N THR D 71 -10.35 -53.25 15.69
CA THR D 71 -10.86 -52.73 14.44
C THR D 71 -11.58 -51.40 14.66
N LEU D 72 -10.98 -50.33 14.19
CA LEU D 72 -11.61 -49.03 14.22
C LEU D 72 -12.58 -48.89 13.04
N ALA D 73 -13.63 -48.12 13.25
CA ALA D 73 -14.58 -47.79 12.20
C ALA D 73 -14.43 -46.32 11.88
N LEU D 74 -14.31 -46.00 10.59
CA LEU D 74 -14.10 -44.65 10.11
C LEU D 74 -15.29 -44.19 9.27
N ASP D 75 -15.79 -43.00 9.58
CA ASP D 75 -16.80 -42.36 8.74
C ASP D 75 -16.12 -41.80 7.49
N VAL D 76 -16.52 -42.28 6.31
CA VAL D 76 -15.86 -41.83 5.09
C VAL D 76 -16.12 -40.36 4.80
N THR D 77 -17.19 -39.77 5.34
CA THR D 77 -17.49 -38.37 5.03
C THR D 77 -16.55 -37.41 5.73
N ASN D 78 -15.84 -37.85 6.77
CA ASN D 78 -14.89 -36.99 7.48
C ASN D 78 -13.62 -37.72 7.93
N ALA D 79 -13.47 -39.01 7.60
CA ALA D 79 -12.30 -39.83 7.93
C ALA D 79 -12.10 -40.03 9.42
N TYR D 80 -13.09 -39.71 10.25
CA TYR D 80 -12.90 -39.76 11.69
C TYR D 80 -13.38 -41.09 12.26
N VAL D 81 -12.76 -41.50 13.35
CA VAL D 81 -13.11 -42.75 14.01
C VAL D 81 -14.41 -42.54 14.78
N VAL D 82 -15.37 -43.43 14.58
CA VAL D 82 -16.64 -43.36 15.30
C VAL D 82 -16.77 -44.43 16.35
N GLY D 83 -15.86 -45.40 16.39
CA GLY D 83 -15.96 -46.48 17.34
C GLY D 83 -15.03 -47.62 16.94
N TYR D 84 -15.11 -48.70 17.70
CA TYR D 84 -14.20 -49.81 17.44
C TYR D 84 -14.74 -51.10 18.04
N ARG D 85 -14.27 -52.19 17.48
CA ARG D 85 -14.58 -53.53 17.93
C ARG D 85 -13.32 -54.18 18.51
N ALA D 86 -13.49 -54.94 19.58
CA ALA D 86 -12.43 -55.78 20.13
C ALA D 86 -13.08 -57.06 20.63
N GLY D 87 -12.78 -58.18 19.97
CA GLY D 87 -13.38 -59.45 20.38
C GLY D 87 -14.87 -59.45 20.14
N ASN D 88 -15.63 -59.77 21.19
CA ASN D 88 -17.08 -59.79 21.12
C ASN D 88 -17.69 -58.57 21.80
N SER D 89 -17.00 -57.44 21.73
CA SER D 89 -17.53 -56.19 22.23
C SER D 89 -17.21 -55.07 21.24
N ALA D 90 -18.13 -54.12 21.10
CA ALA D 90 -17.95 -52.97 20.24
C ALA D 90 -18.30 -51.71 21.02
N TYR D 91 -17.54 -50.65 20.80
CA TYR D 91 -17.72 -49.39 21.52
C TYR D 91 -17.81 -48.25 20.51
N PHE D 92 -18.62 -47.25 20.83
CA PHE D 92 -18.84 -46.13 19.94
C PHE D 92 -18.84 -44.81 20.72
N PHE D 93 -18.25 -43.78 20.12
CA PHE D 93 -18.36 -42.44 20.69
C PHE D 93 -19.81 -41.98 20.68
N HIS D 94 -20.14 -41.10 21.62
CA HIS D 94 -21.48 -40.55 21.67
C HIS D 94 -21.76 -39.78 20.38
N PRO D 95 -22.75 -40.19 19.59
CA PRO D 95 -23.00 -39.50 18.34
C PRO D 95 -23.60 -38.12 18.55
N ASP D 96 -23.35 -37.22 17.60
CA ASP D 96 -23.83 -35.86 17.71
C ASP D 96 -25.34 -35.78 17.50
N ASN D 97 -25.91 -36.57 16.57
CA ASN D 97 -27.30 -36.44 16.14
C ASN D 97 -27.96 -37.82 16.23
N GLN D 98 -29.25 -37.87 15.85
CA GLN D 98 -29.95 -39.14 15.68
C GLN D 98 -29.47 -39.87 14.45
N GLU D 99 -29.16 -39.14 13.38
CA GLU D 99 -28.77 -39.77 12.12
C GLU D 99 -27.51 -40.59 12.28
N ASP D 100 -26.45 -39.99 12.81
CA ASP D 100 -25.23 -40.75 13.06
C ASP D 100 -25.48 -41.85 14.08
N ALA D 101 -26.37 -41.62 15.05
CA ALA D 101 -26.71 -42.67 16.00
C ALA D 101 -27.36 -43.85 15.29
N GLU D 102 -28.22 -43.58 14.31
CA GLU D 102 -28.84 -44.68 13.59
C GLU D 102 -27.82 -45.34 12.66
N ALA D 103 -26.94 -44.54 12.07
CA ALA D 103 -25.97 -45.09 11.11
C ALA D 103 -25.02 -46.07 11.76
N ILE D 104 -24.66 -45.85 13.03
CA ILE D 104 -23.70 -46.74 13.68
C ILE D 104 -24.32 -48.07 14.08
N THR D 105 -25.65 -48.20 14.04
CA THR D 105 -26.26 -49.51 14.22
C THR D 105 -25.86 -50.48 13.12
N HIS D 106 -25.32 -49.97 12.01
CA HIS D 106 -24.85 -50.80 10.92
C HIS D 106 -23.39 -51.24 11.07
N LEU D 107 -22.72 -50.83 12.14
CA LEU D 107 -21.36 -51.29 12.40
C LEU D 107 -21.37 -52.51 13.30
N PHE D 108 -20.53 -53.49 12.97
CA PHE D 108 -20.27 -54.64 13.83
C PHE D 108 -21.57 -55.32 14.25
N THR D 109 -22.37 -55.69 13.25
CA THR D 109 -23.66 -56.31 13.52
C THR D 109 -23.53 -57.64 14.27
N ASP D 110 -22.45 -58.39 14.05
CA ASP D 110 -22.34 -59.73 14.64
C ASP D 110 -22.14 -59.63 16.15
N VAL D 111 -21.57 -58.50 16.59
CA VAL D 111 -21.01 -58.42 17.93
C VAL D 111 -22.11 -58.58 18.96
N GLN D 112 -21.80 -59.27 20.05
CA GLN D 112 -22.81 -59.59 21.04
C GLN D 112 -22.98 -58.50 22.08
N ASN D 113 -21.96 -57.70 22.36
CA ASN D 113 -22.07 -56.59 23.30
C ASN D 113 -21.79 -55.27 22.58
N ARG D 114 -22.72 -54.31 22.70
CA ARG D 114 -22.60 -53.00 22.09
C ARG D 114 -22.72 -51.93 23.16
N TYR D 115 -21.81 -50.95 23.12
CA TYR D 115 -21.83 -49.86 24.08
C TYR D 115 -21.59 -48.53 23.38
N THR D 116 -22.27 -47.50 23.88
CA THR D 116 -22.09 -46.12 23.45
C THR D 116 -21.56 -45.34 24.65
N PHE D 117 -20.36 -44.79 24.51
CA PHE D 117 -19.83 -43.95 25.57
C PHE D 117 -20.71 -42.71 25.74
N ALA D 118 -20.67 -42.13 26.94
CA ALA D 118 -21.33 -40.86 27.17
C ALA D 118 -20.56 -39.69 26.57
N PHE D 119 -19.28 -39.87 26.28
CA PHE D 119 -18.45 -38.81 25.73
C PHE D 119 -18.32 -38.98 24.21
N GLY D 120 -18.16 -37.85 23.52
CA GLY D 120 -17.88 -37.86 22.10
C GLY D 120 -16.41 -38.08 21.84
N GLY D 121 -16.05 -38.14 20.56
CA GLY D 121 -14.69 -38.40 20.17
C GLY D 121 -13.89 -37.17 19.79
N ASN D 122 -14.34 -36.00 20.22
CA ASN D 122 -13.59 -34.77 19.94
C ASN D 122 -12.37 -34.66 20.86
N TYR D 123 -11.32 -34.02 20.34
CA TYR D 123 -10.05 -33.95 21.06
C TYR D 123 -10.21 -33.30 22.43
N ASP D 124 -11.05 -32.25 22.50
CA ASP D 124 -11.22 -31.53 23.75
C ASP D 124 -11.73 -32.46 24.87
N ARG D 125 -12.71 -33.36 24.57
CA ARG D 125 -13.26 -34.25 25.60
C ARG D 125 -12.32 -35.43 25.85
N LEU D 126 -11.63 -35.92 24.82
CA LEU D 126 -10.67 -37.00 25.02
C LEU D 126 -9.50 -36.52 25.86
N GLU D 127 -9.07 -35.29 25.64
CA GLU D 127 -7.96 -34.73 26.40
C GLU D 127 -8.32 -34.58 27.87
N GLN D 128 -9.51 -34.05 28.20
CA GLN D 128 -9.76 -33.90 29.65
C GLN D 128 -9.87 -35.26 30.30
N LEU D 129 -10.39 -36.22 29.55
CA LEU D 129 -10.53 -37.59 30.05
C LEU D 129 -9.17 -38.28 30.15
N ALA D 130 -8.27 -37.97 29.23
CA ALA D 130 -6.92 -38.52 29.31
C ALA D 130 -6.07 -37.82 30.35
N GLY D 131 -6.49 -36.63 30.82
CA GLY D 131 -5.66 -35.88 31.73
C GLY D 131 -4.45 -35.22 31.08
N ASN D 132 -4.40 -35.18 29.75
CA ASN D 132 -3.27 -34.58 29.06
C ASN D 132 -3.70 -34.07 27.70
N LEU D 133 -2.93 -33.14 27.16
CA LEU D 133 -3.18 -32.59 25.83
C LEU D 133 -2.43 -33.40 24.77
N ARG D 134 -2.89 -33.25 23.52
CA ARG D 134 -2.18 -33.85 22.39
C ARG D 134 -0.71 -33.43 22.38
N GLU D 135 -0.41 -32.22 22.82
CA GLU D 135 0.96 -31.70 22.80
C GLU D 135 1.91 -32.49 23.68
N ASN D 136 1.42 -33.36 24.54
CA ASN D 136 2.27 -34.15 25.42
C ASN D 136 2.07 -35.65 25.27
N ILE D 137 1.14 -36.07 24.43
CA ILE D 137 0.86 -37.49 24.22
C ILE D 137 1.71 -37.93 23.04
N GLU D 138 2.77 -38.68 23.31
CA GLU D 138 3.73 -39.02 22.26
C GLU D 138 3.10 -39.93 21.22
N LEU D 139 3.58 -39.81 20.00
CA LEU D 139 3.10 -40.61 18.89
C LEU D 139 4.25 -41.40 18.27
N GLY D 140 3.89 -42.50 17.63
CA GLY D 140 4.86 -43.35 16.98
C GLY D 140 4.38 -44.78 16.99
N ASN D 141 5.25 -45.68 16.52
CA ASN D 141 4.91 -47.10 16.48
C ASN D 141 4.68 -47.63 17.89
N GLY D 142 5.54 -47.25 18.82
CA GLY D 142 5.42 -47.67 20.21
C GLY D 142 4.09 -47.28 20.81
N PRO D 143 3.77 -45.99 20.79
CA PRO D 143 2.44 -45.56 21.27
C PRO D 143 1.27 -46.23 20.57
N LEU D 144 1.38 -46.47 19.25
CA LEU D 144 0.31 -47.16 18.55
C LEU D 144 0.17 -48.59 19.05
N GLU D 145 1.30 -49.27 19.27
CA GLU D 145 1.28 -50.62 19.83
C GLU D 145 0.58 -50.64 21.19
N GLU D 146 0.97 -49.72 22.07
CA GLU D 146 0.37 -49.67 23.40
C GLU D 146 -1.10 -49.27 23.34
N ALA D 147 -1.44 -48.37 22.40
CA ALA D 147 -2.84 -47.99 22.23
C ALA D 147 -3.68 -49.19 21.80
N ILE D 148 -3.11 -50.07 20.99
CA ILE D 148 -3.85 -51.24 20.49
C ILE D 148 -4.20 -52.17 21.65
N SER D 149 -3.22 -52.47 22.50
CA SER D 149 -3.48 -53.36 23.63
C SER D 149 -4.45 -52.73 24.62
N ALA D 150 -4.31 -51.43 24.88
CA ALA D 150 -5.22 -50.77 25.80
C ALA D 150 -6.65 -50.81 25.29
N LEU D 151 -6.83 -50.60 23.99
CA LEU D 151 -8.16 -50.73 23.40
C LEU D 151 -8.67 -52.16 23.55
N TYR D 152 -7.80 -53.14 23.34
CA TYR D 152 -8.23 -54.53 23.41
C TYR D 152 -8.73 -54.89 24.81
N TYR D 153 -7.98 -54.51 25.84
CA TYR D 153 -8.30 -54.96 27.20
C TYR D 153 -9.36 -54.12 27.89
N TYR D 154 -9.89 -53.07 27.24
CA TYR D 154 -10.94 -52.29 27.89
C TYR D 154 -12.18 -53.13 28.11
N SER D 155 -12.45 -54.08 27.20
CA SER D 155 -13.56 -55.00 27.39
C SER D 155 -13.36 -55.90 28.61
N THR D 156 -12.17 -56.50 28.73
CA THR D 156 -11.82 -57.33 29.88
C THR D 156 -11.77 -56.56 31.20
N GLY D 157 -11.85 -55.23 31.18
CA GLY D 157 -11.83 -54.45 32.40
C GLY D 157 -10.45 -54.01 32.86
N GLY D 158 -9.42 -54.21 32.05
CA GLY D 158 -8.05 -53.92 32.40
C GLY D 158 -7.52 -52.57 31.97
N THR D 159 -8.33 -51.74 31.33
CA THR D 159 -7.89 -50.44 30.83
C THR D 159 -8.66 -49.34 31.54
N GLN D 160 -7.96 -48.51 32.31
CA GLN D 160 -8.59 -47.36 32.94
C GLN D 160 -9.00 -46.33 31.88
N LEU D 161 -9.95 -45.47 32.26
CA LEU D 161 -10.53 -44.53 31.31
C LEU D 161 -9.52 -43.53 30.74
N PRO D 162 -8.65 -42.89 31.53
CA PRO D 162 -7.67 -41.98 30.91
C PRO D 162 -6.79 -42.68 29.89
N THR D 163 -6.35 -43.90 30.18
CA THR D 163 -5.53 -44.65 29.23
C THR D 163 -6.33 -44.97 27.97
N LEU D 164 -7.62 -45.25 28.13
CA LEU D 164 -8.51 -45.45 27.00
C LEU D 164 -8.57 -44.20 26.13
N ALA D 165 -8.85 -43.05 26.74
CA ALA D 165 -8.94 -41.79 25.99
C ALA D 165 -7.60 -41.47 25.31
N ARG D 166 -6.48 -41.75 26.00
CA ARG D 166 -5.17 -41.51 25.42
C ARG D 166 -4.94 -42.38 24.19
N SER D 167 -5.40 -43.63 24.23
CA SER D 167 -5.25 -44.51 23.08
C SER D 167 -6.07 -44.02 21.88
N PHE D 168 -7.26 -43.49 22.14
CA PHE D 168 -8.05 -42.89 21.07
C PHE D 168 -7.30 -41.72 20.46
N ILE D 169 -6.76 -40.82 21.29
CA ILE D 169 -6.01 -39.68 20.80
C ILE D 169 -4.85 -40.14 19.92
N ILE D 170 -4.23 -41.28 20.27
CA ILE D 170 -3.11 -41.77 19.48
C ILE D 170 -3.58 -42.31 18.14
N CYS D 171 -4.58 -43.20 18.15
CA CYS D 171 -5.02 -43.83 16.93
C CYS D 171 -5.62 -42.81 15.96
N ILE D 172 -6.36 -41.83 16.48
CA ILE D 172 -7.05 -40.88 15.61
C ILE D 172 -6.02 -40.05 14.84
N GLN D 173 -4.98 -39.57 15.53
CA GLN D 173 -3.96 -38.78 14.88
C GLN D 173 -3.19 -39.60 13.85
N MET D 174 -2.78 -40.81 14.25
CA MET D 174 -1.92 -41.64 13.42
C MET D 174 -2.67 -42.30 12.26
N ILE D 175 -3.99 -42.27 12.27
CA ILE D 175 -4.75 -42.90 11.19
C ILE D 175 -5.59 -41.86 10.47
N SER D 176 -6.52 -41.23 11.20
CA SER D 176 -7.44 -40.28 10.57
C SER D 176 -6.70 -39.04 10.10
N GLU D 177 -5.91 -38.43 10.98
CA GLU D 177 -5.25 -37.17 10.59
C GLU D 177 -4.18 -37.41 9.54
N ALA D 178 -3.42 -38.50 9.68
CA ALA D 178 -2.44 -38.83 8.64
C ALA D 178 -3.12 -39.03 7.30
N ALA D 179 -4.33 -39.61 7.30
CA ALA D 179 -5.09 -39.73 6.06
C ALA D 179 -5.47 -38.37 5.51
N ARG D 180 -5.83 -37.43 6.40
CA ARG D 180 -6.27 -36.10 5.96
C ARG D 180 -5.11 -35.26 5.43
N PHE D 181 -3.90 -35.45 5.95
CA PHE D 181 -2.76 -34.59 5.65
C PHE D 181 -1.54 -35.44 5.32
N GLN D 182 -0.97 -35.24 4.12
CA GLN D 182 0.36 -35.79 3.86
C GLN D 182 1.37 -35.28 4.88
N TYR D 183 1.21 -34.04 5.33
CA TYR D 183 2.14 -33.45 6.29
C TYR D 183 2.17 -34.26 7.58
N ILE D 184 1.00 -34.57 8.14
CA ILE D 184 0.95 -35.35 9.37
C ILE D 184 1.42 -36.77 9.13
N GLU D 185 1.08 -37.32 7.95
CA GLU D 185 1.57 -38.65 7.62
C GLU D 185 3.10 -38.68 7.54
N GLY D 186 3.69 -37.61 6.98
CA GLY D 186 5.14 -37.52 6.96
C GLY D 186 5.74 -37.39 8.35
N GLU D 187 5.04 -36.69 9.24
CA GLU D 187 5.48 -36.61 10.63
C GLU D 187 5.47 -37.99 11.30
N MET D 188 4.44 -38.81 11.01
CA MET D 188 4.43 -40.17 11.56
C MET D 188 5.51 -41.02 10.91
N ARG D 189 5.77 -40.79 9.63
CA ARG D 189 6.82 -41.50 8.94
C ARG D 189 8.18 -41.21 9.57
N THR D 190 8.35 -39.99 10.08
CA THR D 190 9.59 -39.63 10.77
C THR D 190 9.77 -40.46 12.03
N ARG D 191 8.70 -40.62 12.82
CA ARG D 191 8.81 -41.39 14.05
C ARG D 191 9.08 -42.86 13.77
N ILE D 192 8.37 -43.44 12.80
CA ILE D 192 8.56 -44.85 12.47
C ILE D 192 9.98 -45.08 11.94
N ARG D 193 10.47 -44.15 11.12
CA ARG D 193 11.77 -44.32 10.47
C ARG D 193 12.90 -44.47 11.48
N TYR D 194 12.86 -43.69 12.56
CA TYR D 194 13.93 -43.65 13.56
C TYR D 194 13.58 -44.41 14.83
N ASN D 195 12.47 -45.15 14.84
CA ASN D 195 11.94 -45.79 16.03
C ASN D 195 12.03 -44.84 17.23
N ARG D 196 11.41 -43.67 17.11
CA ARG D 196 11.27 -42.73 18.20
C ARG D 196 9.79 -42.50 18.45
N ARG D 197 9.47 -42.09 19.67
CA ARG D 197 8.13 -41.60 19.99
C ARG D 197 8.24 -40.12 20.34
N SER D 198 7.24 -39.35 19.93
CA SER D 198 7.33 -37.90 20.03
C SER D 198 5.93 -37.31 19.96
N ALA D 199 5.64 -36.39 20.86
CA ALA D 199 4.40 -35.64 20.78
C ALA D 199 4.40 -34.78 19.52
N PRO D 200 3.23 -34.51 18.96
CA PRO D 200 3.16 -33.66 17.76
C PRO D 200 3.50 -32.20 18.08
N ASP D 201 4.14 -31.54 17.13
CA ASP D 201 4.51 -30.13 17.27
C ASP D 201 3.31 -29.23 16.95
N PRO D 202 3.39 -27.94 17.27
CA PRO D 202 2.23 -27.06 17.03
C PRO D 202 1.75 -27.05 15.58
N SER D 203 2.67 -27.24 14.62
CA SER D 203 2.27 -27.29 13.22
C SER D 203 1.22 -28.38 13.00
N VAL D 204 1.43 -29.55 13.60
CA VAL D 204 0.47 -30.65 13.46
C VAL D 204 -0.85 -30.32 14.16
N ILE D 205 -0.77 -29.75 15.37
CA ILE D 205 -1.95 -29.47 16.18
C ILE D 205 -2.84 -28.45 15.49
N THR D 206 -2.24 -27.40 14.92
CA THR D 206 -3.02 -26.37 14.28
C THR D 206 -3.65 -26.87 12.99
N LEU D 207 -2.96 -27.75 12.25
CA LEU D 207 -3.54 -28.36 11.07
C LEU D 207 -4.77 -29.18 11.44
N GLU D 208 -4.64 -30.02 12.48
CA GLU D 208 -5.77 -30.81 12.95
C GLU D 208 -6.93 -29.91 13.35
N ASN D 209 -6.64 -28.82 14.07
CA ASN D 209 -7.68 -27.91 14.52
C ASN D 209 -8.35 -27.17 13.37
N SER D 210 -7.67 -27.00 12.25
CA SER D 210 -8.14 -26.17 11.15
C SER D 210 -8.72 -26.96 9.99
N TRP D 211 -8.81 -28.29 10.11
CA TRP D 211 -9.13 -29.13 8.95
C TRP D 211 -10.46 -28.74 8.33
N GLY D 212 -11.48 -28.54 9.16
CA GLY D 212 -12.78 -28.13 8.63
C GLY D 212 -12.70 -26.78 7.93
N ARG D 213 -12.14 -25.79 8.61
CA ARG D 213 -12.04 -24.46 8.03
C ARG D 213 -11.22 -24.48 6.75
N LEU D 214 -10.16 -25.28 6.71
CA LEU D 214 -9.35 -25.40 5.50
C LEU D 214 -10.17 -25.94 4.34
N SER D 215 -11.00 -26.94 4.61
CA SER D 215 -11.83 -27.52 3.55
C SER D 215 -12.80 -26.49 2.98
N THR D 216 -13.37 -25.65 3.84
CA THR D 216 -14.33 -24.66 3.37
C THR D 216 -13.63 -23.55 2.60
N ALA D 217 -12.47 -23.09 3.09
CA ALA D 217 -11.75 -22.02 2.41
C ALA D 217 -11.33 -22.45 1.01
N ILE D 218 -10.84 -23.68 0.87
CA ILE D 218 -10.39 -24.16 -0.44
C ILE D 218 -11.57 -24.33 -1.38
N GLN D 219 -12.63 -25.00 -0.92
CA GLN D 219 -13.74 -25.33 -1.81
C GLN D 219 -14.56 -24.10 -2.20
N GLU D 220 -14.57 -23.07 -1.35
CA GLU D 220 -15.23 -21.82 -1.69
C GLU D 220 -14.24 -20.73 -2.09
N SER D 221 -13.04 -21.11 -2.50
CA SER D 221 -12.06 -20.16 -2.98
C SER D 221 -12.43 -19.62 -4.37
N ASN D 222 -11.94 -18.42 -4.65
CA ASN D 222 -12.02 -17.85 -6.00
C ASN D 222 -10.71 -18.21 -6.69
N GLN D 223 -10.73 -19.34 -7.39
CA GLN D 223 -9.58 -19.84 -8.13
C GLN D 223 -8.35 -19.98 -7.22
N GLY D 224 -8.57 -20.54 -6.03
CA GLY D 224 -7.49 -20.81 -5.10
C GLY D 224 -7.25 -19.73 -4.06
N ALA D 225 -7.67 -18.50 -4.32
CA ALA D 225 -7.48 -17.42 -3.35
C ALA D 225 -8.61 -17.42 -2.33
N PHE D 226 -8.25 -17.38 -1.04
CA PHE D 226 -9.25 -17.43 0.02
C PHE D 226 -9.93 -16.08 0.23
N ALA D 227 -11.17 -16.13 0.69
CA ALA D 227 -11.86 -14.90 1.08
C ALA D 227 -11.28 -14.32 2.35
N SER D 228 -10.81 -15.17 3.26
CA SER D 228 -10.21 -14.77 4.51
C SER D 228 -8.99 -15.66 4.76
N PRO D 229 -7.94 -15.12 5.36
CA PRO D 229 -6.76 -15.95 5.66
C PRO D 229 -7.06 -16.97 6.74
N ILE D 230 -6.32 -18.07 6.69
CA ILE D 230 -6.34 -19.11 7.71
C ILE D 230 -4.99 -19.09 8.40
N GLN D 231 -5.00 -19.07 9.73
CA GLN D 231 -3.77 -18.98 10.50
C GLN D 231 -3.24 -20.38 10.82
N LEU D 232 -2.04 -20.68 10.36
CA LEU D 232 -1.34 -21.92 10.68
C LEU D 232 -0.17 -21.60 11.60
N GLN D 233 0.53 -22.64 12.03
CA GLN D 233 1.69 -22.49 12.89
C GLN D 233 2.87 -23.28 12.33
N ARG D 234 4.06 -22.70 12.41
CA ARG D 234 5.25 -23.46 12.08
C ARG D 234 5.52 -24.47 13.18
N ARG D 235 6.62 -25.21 13.06
CA ARG D 235 6.92 -26.21 14.09
C ARG D 235 7.40 -25.57 15.38
N ASN D 236 8.12 -24.45 15.30
CA ASN D 236 8.14 -23.57 16.46
C ASN D 236 6.78 -22.85 16.53
N GLY D 237 6.54 -22.15 17.64
CA GLY D 237 5.22 -21.59 17.84
C GLY D 237 4.75 -20.63 16.75
N SER D 238 5.68 -20.10 15.94
CA SER D 238 5.41 -18.94 15.08
C SER D 238 4.18 -19.15 14.19
N LYS D 239 3.35 -18.12 14.13
CA LYS D 239 2.12 -18.16 13.36
C LYS D 239 2.31 -17.43 12.04
N PHE D 240 1.65 -17.94 10.99
CA PHE D 240 1.64 -17.30 9.70
C PHE D 240 0.27 -17.50 9.07
N SER D 241 -0.02 -16.69 8.06
CA SER D 241 -1.32 -16.72 7.40
C SER D 241 -1.19 -17.33 6.01
N VAL D 242 -2.23 -18.04 5.60
CA VAL D 242 -2.32 -18.63 4.28
C VAL D 242 -3.51 -18.00 3.55
N TYR D 243 -3.26 -17.44 2.37
CA TYR D 243 -4.29 -16.79 1.58
C TYR D 243 -4.66 -17.56 0.32
N ASP D 244 -3.93 -18.62 -0.02
CA ASP D 244 -4.10 -19.32 -1.27
C ASP D 244 -3.90 -20.81 -1.07
N VAL D 245 -4.58 -21.61 -1.90
CA VAL D 245 -4.54 -23.05 -1.76
C VAL D 245 -3.20 -23.65 -2.17
N SER D 246 -2.39 -22.91 -2.93
CA SER D 246 -1.22 -23.50 -3.56
C SER D 246 -0.22 -24.06 -2.54
N ILE D 247 -0.02 -23.37 -1.42
CA ILE D 247 0.91 -23.88 -0.41
C ILE D 247 0.32 -25.09 0.34
N LEU D 248 -1.00 -25.26 0.33
CA LEU D 248 -1.65 -26.37 1.03
C LEU D 248 -1.75 -27.62 0.18
N ILE D 249 -1.53 -27.53 -1.13
CA ILE D 249 -1.65 -28.70 -2.01
C ILE D 249 -0.81 -29.88 -1.53
N PRO D 250 0.47 -29.73 -1.15
CA PRO D 250 1.21 -30.87 -0.62
C PRO D 250 0.97 -31.16 0.85
N ILE D 251 0.11 -30.40 1.51
CA ILE D 251 -0.10 -30.51 2.95
C ILE D 251 -1.37 -31.27 3.30
N ILE D 252 -2.47 -31.00 2.61
CA ILE D 252 -3.76 -31.63 2.88
C ILE D 252 -4.08 -32.59 1.75
N ALA D 253 -4.49 -33.81 2.12
CA ALA D 253 -4.76 -34.86 1.15
C ALA D 253 -6.24 -35.14 0.95
N LEU D 254 -7.08 -34.82 1.93
CA LEU D 254 -8.52 -35.00 1.83
C LEU D 254 -9.23 -33.83 2.48
N MET D 255 -10.40 -33.51 1.96
CA MET D 255 -11.27 -32.48 2.49
C MET D 255 -12.65 -33.06 2.73
N VAL D 256 -13.31 -32.60 3.79
CA VAL D 256 -14.73 -32.90 3.96
C VAL D 256 -15.52 -32.14 2.90
N TYR D 257 -16.53 -32.80 2.34
CA TYR D 257 -17.36 -32.16 1.34
C TYR D 257 -18.10 -30.98 1.96
N ARG D 258 -18.04 -29.85 1.27
CA ARG D 258 -18.70 -28.62 1.72
C ARG D 258 -19.77 -28.15 0.75
N CYS D 259 -19.54 -28.27 -0.54
CA CYS D 259 -20.43 -27.74 -1.56
C CYS D 259 -19.99 -28.28 -2.90
N ALA D 260 -20.80 -28.03 -3.91
CA ALA D 260 -20.62 -28.55 -5.26
C ALA D 260 -19.84 -27.57 -6.13
N PRO D 261 -19.01 -28.09 -7.05
CA PRO D 261 -18.36 -27.23 -8.05
C PRO D 261 -19.40 -26.63 -8.98
N PRO D 262 -18.99 -25.76 -9.93
CA PRO D 262 -19.99 -25.15 -10.84
C PRO D 262 -20.94 -26.16 -11.49
N ASP E 2 -25.93 -27.67 -4.70
CA ASP E 2 -25.39 -26.70 -3.76
C ASP E 2 -24.00 -26.20 -4.19
N VAL E 3 -24.00 -25.25 -5.13
CA VAL E 3 -22.78 -24.67 -5.66
C VAL E 3 -22.08 -23.86 -4.58
N CYS E 4 -20.75 -23.96 -4.49
CA CYS E 4 -20.09 -23.06 -3.57
C CYS E 4 -20.04 -21.63 -4.03
N MET E 5 -20.09 -20.75 -3.03
CA MET E 5 -20.02 -19.31 -3.24
C MET E 5 -18.71 -18.95 -3.90
N ASP E 6 -18.79 -18.00 -4.80
CA ASP E 6 -17.59 -17.46 -5.39
C ASP E 6 -17.32 -16.11 -4.72
N PRO E 7 -16.31 -16.01 -3.87
CA PRO E 7 -16.04 -14.74 -3.19
C PRO E 7 -15.22 -13.85 -4.12
N GLU E 8 -14.95 -12.63 -3.66
CA GLU E 8 -14.16 -11.65 -4.40
C GLU E 8 -13.09 -11.07 -3.48
N PRO E 9 -12.02 -11.83 -3.21
CA PRO E 9 -11.00 -11.35 -2.27
C PRO E 9 -10.13 -10.28 -2.90
N ILE E 10 -9.77 -9.29 -2.08
CA ILE E 10 -8.79 -8.28 -2.45
C ILE E 10 -7.42 -8.76 -1.98
N VAL E 11 -6.44 -8.75 -2.88
CA VAL E 11 -5.20 -9.44 -2.61
C VAL E 11 -4.11 -8.87 -3.51
N ARG E 12 -2.86 -8.98 -3.07
CA ARG E 12 -1.73 -8.68 -3.92
C ARG E 12 -1.43 -9.87 -4.82
N ILE E 13 -0.78 -9.60 -5.94
CA ILE E 13 -0.34 -10.64 -6.86
C ILE E 13 1.17 -10.59 -6.91
N VAL E 14 1.82 -11.56 -6.30
CA VAL E 14 3.27 -11.62 -6.23
C VAL E 14 3.79 -12.54 -7.32
N GLY E 15 4.91 -12.16 -7.93
CA GLY E 15 5.50 -12.94 -9.00
C GLY E 15 7.02 -12.93 -9.04
N ARG E 16 7.58 -12.64 -10.22
CA ARG E 16 8.99 -12.88 -10.47
C ARG E 16 9.88 -12.14 -9.48
N ASN E 17 10.83 -12.88 -8.90
CA ASN E 17 11.73 -12.39 -7.84
C ASN E 17 10.97 -11.85 -6.64
N GLY E 18 9.70 -12.22 -6.48
CA GLY E 18 8.94 -11.80 -5.33
C GLY E 18 8.41 -10.38 -5.40
N LEU E 19 8.41 -9.76 -6.57
CA LEU E 19 7.82 -8.44 -6.75
C LEU E 19 6.31 -8.58 -7.01
N CYS E 20 5.61 -7.46 -6.80
N CYS E 20 5.59 -7.50 -6.76
CA CYS E 20 4.15 -7.36 -6.84
CA CYS E 20 4.15 -7.54 -6.94
C CYS E 20 3.66 -6.74 -8.14
C CYS E 20 3.73 -6.96 -8.27
N VAL E 21 2.46 -7.14 -8.56
CA VAL E 21 1.81 -6.57 -9.74
C VAL E 21 1.34 -5.17 -9.39
N ASP E 22 1.78 -4.18 -10.16
CA ASP E 22 1.70 -2.77 -9.74
C ASP E 22 1.28 -1.88 -10.90
N VAL E 23 0.28 -1.05 -10.67
CA VAL E 23 -0.14 -0.05 -11.65
C VAL E 23 0.83 1.12 -11.59
N ARG E 24 1.57 1.35 -12.68
CA ARG E 24 2.76 2.20 -12.64
C ARG E 24 2.43 3.58 -12.08
N ASP E 25 3.19 3.99 -11.07
CA ASP E 25 3.08 5.30 -10.45
C ASP E 25 1.70 5.59 -9.86
N GLY E 26 0.87 4.55 -9.70
CA GLY E 26 -0.47 4.74 -9.19
C GLY E 26 -1.39 5.57 -10.04
N ARG E 27 -1.09 5.72 -11.33
CA ARG E 27 -1.96 6.45 -12.25
C ARG E 27 -2.94 5.48 -12.91
N PHE E 28 -4.23 5.77 -12.81
CA PHE E 28 -5.25 4.89 -13.37
C PHE E 28 -5.87 5.47 -14.64
N HIS E 29 -5.08 6.20 -15.42
CA HIS E 29 -5.49 6.56 -16.77
C HIS E 29 -5.55 5.30 -17.65
N ASN E 30 -6.57 5.24 -18.49
CA ASN E 30 -6.73 4.12 -19.40
C ASN E 30 -5.48 3.93 -20.24
N GLY E 31 -4.91 2.72 -20.20
CA GLY E 31 -3.73 2.40 -20.98
C GLY E 31 -2.42 2.51 -20.23
N ASN E 32 -2.44 2.94 -18.96
CA ASN E 32 -1.23 2.99 -18.18
C ASN E 32 -0.74 1.59 -17.86
N ALA E 33 0.57 1.40 -17.90
CA ALA E 33 1.13 0.05 -17.87
C ALA E 33 1.05 -0.57 -16.49
N ILE E 34 0.95 -1.90 -16.47
CA ILE E 34 1.13 -2.71 -15.27
C ILE E 34 2.60 -3.10 -15.22
N GLN E 35 3.17 -3.16 -14.00
CA GLN E 35 4.60 -3.37 -13.85
C GLN E 35 4.90 -4.21 -12.63
N LEU E 36 6.13 -4.74 -12.61
CA LEU E 36 6.72 -5.27 -11.39
C LEU E 36 7.15 -4.12 -10.48
N TRP E 37 7.00 -4.30 -9.18
CA TRP E 37 7.43 -3.30 -8.21
C TRP E 37 7.58 -3.98 -6.85
N PRO E 38 8.48 -3.50 -5.99
CA PRO E 38 8.57 -4.06 -4.64
C PRO E 38 7.22 -4.02 -3.94
N CYS E 39 6.93 -5.09 -3.19
CA CYS E 39 5.62 -5.23 -2.56
C CYS E 39 5.46 -4.22 -1.45
N LYS E 40 4.46 -3.35 -1.58
CA LYS E 40 4.25 -2.37 -0.53
C LYS E 40 3.53 -3.01 0.66
N SER E 41 3.57 -2.31 1.79
CA SER E 41 2.92 -2.74 3.02
C SER E 41 1.98 -1.66 3.52
N ASN E 42 1.08 -1.21 2.66
CA ASN E 42 0.09 -0.20 3.02
C ASN E 42 -1.19 -0.50 2.27
N THR E 43 -2.11 0.47 2.26
CA THR E 43 -3.40 0.31 1.62
C THR E 43 -3.47 0.95 0.24
N ASP E 44 -2.32 1.25 -0.36
CA ASP E 44 -2.30 1.82 -1.70
C ASP E 44 -3.02 0.89 -2.67
N ALA E 45 -3.94 1.46 -3.45
CA ALA E 45 -4.81 0.66 -4.32
C ALA E 45 -4.08 0.04 -5.49
N ASN E 46 -2.96 0.62 -5.94
CA ASN E 46 -2.33 0.18 -7.18
C ASN E 46 -1.66 -1.19 -7.06
N GLN E 47 -1.63 -1.79 -5.87
CA GLN E 47 -1.09 -3.14 -5.70
C GLN E 47 -2.11 -4.13 -5.14
N LEU E 48 -3.33 -3.68 -4.85
CA LEU E 48 -4.36 -4.54 -4.27
C LEU E 48 -5.44 -4.81 -5.32
N TRP E 49 -5.64 -6.08 -5.63
CA TRP E 49 -6.46 -6.50 -6.77
C TRP E 49 -7.66 -7.31 -6.29
N THR E 50 -8.84 -6.95 -6.79
CA THR E 50 -10.07 -7.68 -6.48
C THR E 50 -10.26 -8.79 -7.52
N LEU E 51 -10.32 -10.03 -7.05
CA LEU E 51 -10.55 -11.16 -7.94
C LEU E 51 -12.06 -11.32 -8.12
N LYS E 52 -12.57 -10.77 -9.21
CA LYS E 52 -14.01 -10.66 -9.42
C LYS E 52 -14.61 -11.96 -9.96
N ARG E 53 -15.92 -12.11 -9.73
CA ARG E 53 -16.65 -13.31 -10.14
C ARG E 53 -16.74 -13.41 -11.66
N ASP E 54 -16.70 -12.28 -12.36
CA ASP E 54 -16.76 -12.26 -13.81
C ASP E 54 -15.41 -12.54 -14.47
N ASN E 55 -14.46 -13.10 -13.71
CA ASN E 55 -13.11 -13.41 -14.18
C ASN E 55 -12.30 -12.16 -14.52
N THR E 56 -12.58 -11.02 -13.88
CA THR E 56 -11.77 -9.83 -14.06
C THR E 56 -10.97 -9.59 -12.79
N ILE E 57 -9.82 -8.95 -12.95
CA ILE E 57 -8.89 -8.66 -11.86
C ILE E 57 -8.77 -7.15 -11.78
N ARG E 58 -9.26 -6.57 -10.69
CA ARG E 58 -9.54 -5.14 -10.63
C ARG E 58 -8.69 -4.42 -9.59
N SER E 59 -8.20 -3.23 -9.97
CA SER E 59 -7.48 -2.34 -9.07
C SER E 59 -8.15 -0.97 -9.14
N ASN E 60 -8.65 -0.50 -7.99
CA ASN E 60 -9.35 0.79 -7.88
C ASN E 60 -10.51 0.89 -8.87
N GLY E 61 -11.21 -0.21 -9.10
CA GLY E 61 -12.38 -0.20 -9.96
C GLY E 61 -12.10 -0.45 -11.43
N LYS E 62 -10.84 -0.49 -11.84
CA LYS E 62 -10.50 -0.67 -13.25
C LYS E 62 -9.83 -2.02 -13.45
N CYS E 63 -9.74 -2.43 -14.72
CA CYS E 63 -9.46 -3.81 -15.07
C CYS E 63 -8.03 -4.01 -15.55
N LEU E 64 -7.43 -5.11 -15.09
CA LEU E 64 -6.22 -5.64 -15.70
C LEU E 64 -6.55 -6.09 -17.12
N THR E 65 -5.92 -5.43 -18.11
CA THR E 65 -6.33 -5.57 -19.50
C THR E 65 -5.11 -5.80 -20.38
N THR E 66 -5.18 -6.82 -21.23
CA THR E 66 -4.12 -7.03 -22.19
C THR E 66 -4.30 -6.10 -23.38
N TYR E 67 -3.20 -5.56 -23.88
CA TYR E 67 -3.26 -4.65 -25.02
C TYR E 67 -3.67 -5.38 -26.30
N GLY E 68 -3.37 -6.67 -26.40
CA GLY E 68 -3.73 -7.42 -27.58
C GLY E 68 -3.64 -8.91 -27.34
N TYR E 69 -3.73 -9.67 -28.43
CA TYR E 69 -3.76 -11.13 -28.37
C TYR E 69 -2.56 -11.77 -29.05
N SER E 70 -1.46 -11.03 -29.18
CA SER E 70 -0.21 -11.52 -29.75
C SER E 70 0.88 -11.52 -28.69
N PRO E 71 1.87 -12.42 -28.79
CA PRO E 71 2.92 -12.48 -27.78
C PRO E 71 3.73 -11.20 -27.72
N GLY E 72 3.98 -10.72 -26.51
CA GLY E 72 4.84 -9.59 -26.27
C GLY E 72 4.15 -8.25 -26.09
N VAL E 73 2.84 -8.18 -26.28
CA VAL E 73 2.12 -6.92 -26.05
C VAL E 73 1.97 -6.70 -24.56
N TYR E 74 1.89 -5.43 -24.16
CA TYR E 74 1.93 -5.10 -22.74
C TYR E 74 0.55 -5.21 -22.10
N VAL E 75 0.55 -5.18 -20.77
CA VAL E 75 -0.67 -5.29 -19.97
C VAL E 75 -0.88 -3.96 -19.29
N MET E 76 -2.11 -3.44 -19.35
CA MET E 76 -2.44 -2.10 -18.91
C MET E 76 -3.60 -2.13 -17.92
N ILE E 77 -3.88 -0.97 -17.33
CA ILE E 77 -5.11 -0.75 -16.58
C ILE E 77 -6.10 -0.07 -17.51
N TYR E 78 -7.36 -0.48 -17.43
CA TYR E 78 -8.36 0.04 -18.36
C TYR E 78 -9.74 -0.06 -17.73
N ASP E 79 -10.62 0.85 -18.12
CA ASP E 79 -12.01 0.80 -17.66
C ASP E 79 -12.64 -0.52 -18.10
N CYS E 80 -13.31 -1.18 -17.14
CA CYS E 80 -13.80 -2.54 -17.36
C CYS E 80 -14.95 -2.57 -18.36
N ASN E 81 -15.82 -1.56 -18.34
CA ASN E 81 -16.93 -1.51 -19.28
C ASN E 81 -16.49 -1.06 -20.67
N THR E 82 -15.46 -0.22 -20.73
CA THR E 82 -15.01 0.35 -21.99
C THR E 82 -14.07 -0.58 -22.74
N ALA E 83 -13.22 -1.31 -22.03
CA ALA E 83 -12.27 -2.21 -22.66
C ALA E 83 -13.02 -3.32 -23.41
N ALA E 84 -12.34 -3.91 -24.39
CA ALA E 84 -12.84 -5.13 -25.01
C ALA E 84 -12.93 -6.22 -23.95
N THR E 85 -14.13 -6.80 -23.80
CA THR E 85 -14.40 -7.72 -22.69
C THR E 85 -13.44 -8.90 -22.68
N ASP E 86 -13.16 -9.49 -23.85
CA ASP E 86 -12.24 -10.62 -23.89
C ASP E 86 -10.85 -10.25 -23.40
N ALA E 87 -10.47 -8.98 -23.51
CA ALA E 87 -9.15 -8.55 -23.07
C ALA E 87 -9.08 -8.33 -21.56
N THR E 88 -10.20 -8.35 -20.85
CA THR E 88 -10.23 -8.16 -19.41
C THR E 88 -10.34 -9.46 -18.63
N ARG E 89 -10.47 -10.60 -19.32
CA ARG E 89 -10.76 -11.87 -18.66
C ARG E 89 -9.49 -12.69 -18.42
N TRP E 90 -9.39 -13.25 -17.22
CA TRP E 90 -8.22 -14.03 -16.83
C TRP E 90 -8.65 -15.25 -16.02
N GLN E 91 -7.84 -16.29 -16.08
CA GLN E 91 -7.98 -17.46 -15.22
C GLN E 91 -6.70 -17.61 -14.40
N ILE E 92 -6.85 -17.83 -13.10
CA ILE E 92 -5.73 -18.07 -12.19
C ILE E 92 -5.66 -19.56 -11.95
N TRP E 93 -4.65 -20.21 -12.50
CA TRP E 93 -4.52 -21.66 -12.39
C TRP E 93 -3.77 -22.04 -11.12
N ASP E 94 -4.02 -23.26 -10.65
CA ASP E 94 -3.41 -23.75 -9.41
C ASP E 94 -1.89 -23.91 -9.52
N ASN E 95 -1.35 -23.95 -10.73
CA ASN E 95 0.10 -24.05 -10.90
C ASN E 95 0.73 -22.69 -11.16
N GLY E 96 0.07 -21.62 -10.71
CA GLY E 96 0.64 -20.30 -10.74
C GLY E 96 0.52 -19.54 -12.04
N THR E 97 -0.14 -20.11 -13.05
CA THR E 97 -0.30 -19.45 -14.33
C THR E 97 -1.53 -18.54 -14.29
N ILE E 98 -1.40 -17.34 -14.84
CA ILE E 98 -2.52 -16.41 -15.02
C ILE E 98 -2.67 -16.21 -16.52
N ILE E 99 -3.73 -16.77 -17.09
CA ILE E 99 -3.88 -16.89 -18.54
C ILE E 99 -5.05 -16.05 -19.02
N ASN E 100 -4.90 -15.46 -20.21
CA ASN E 100 -5.98 -14.77 -20.88
C ASN E 100 -6.65 -15.77 -21.82
N PRO E 101 -7.87 -16.21 -21.54
CA PRO E 101 -8.45 -17.33 -22.32
C PRO E 101 -8.59 -17.06 -23.80
N ARG E 102 -9.00 -15.86 -24.19
CA ARG E 102 -9.24 -15.56 -25.59
C ARG E 102 -7.96 -15.75 -26.41
N SER E 103 -6.83 -15.28 -25.89
CA SER E 103 -5.56 -15.35 -26.60
C SER E 103 -4.72 -16.56 -26.23
N SER E 104 -5.03 -17.24 -25.13
CA SER E 104 -4.22 -18.32 -24.57
C SER E 104 -2.80 -17.87 -24.23
N LEU E 105 -2.53 -16.57 -24.16
CA LEU E 105 -1.25 -16.08 -23.67
C LEU E 105 -1.35 -15.80 -22.16
N VAL E 106 -0.19 -15.82 -21.50
CA VAL E 106 -0.14 -15.79 -20.05
C VAL E 106 0.61 -14.55 -19.61
N LEU E 107 0.20 -14.02 -18.47
CA LEU E 107 0.83 -12.85 -17.87
C LEU E 107 2.28 -13.17 -17.54
N ALA E 108 3.17 -12.23 -17.85
CA ALA E 108 4.60 -12.47 -17.76
C ALA E 108 5.35 -11.19 -17.46
N ALA E 109 6.50 -11.35 -16.82
CA ALA E 109 7.44 -10.27 -16.55
C ALA E 109 8.75 -10.71 -17.20
N THR E 110 8.99 -10.28 -18.44
CA THR E 110 10.14 -10.74 -19.20
C THR E 110 11.46 -10.18 -18.70
N SER E 111 11.44 -9.31 -17.69
CA SER E 111 12.64 -8.91 -16.99
C SER E 111 12.35 -8.95 -15.50
N GLY E 112 13.42 -8.99 -14.71
CA GLY E 112 13.29 -9.16 -13.28
C GLY E 112 13.46 -7.91 -12.45
N ASN E 113 13.75 -6.78 -13.08
CA ASN E 113 13.99 -5.54 -12.35
C ASN E 113 12.69 -4.86 -11.96
N SER E 114 12.73 -4.10 -10.88
CA SER E 114 11.62 -3.24 -10.53
C SER E 114 11.35 -2.25 -11.67
N GLY E 115 10.07 -2.08 -12.00
CA GLY E 115 9.66 -1.25 -13.11
C GLY E 115 9.47 -1.99 -14.42
N THR E 116 9.62 -3.31 -14.44
CA THR E 116 9.45 -4.08 -15.67
C THR E 116 7.99 -4.06 -16.10
N THR E 117 7.74 -3.65 -17.34
CA THR E 117 6.40 -3.66 -17.90
C THR E 117 5.90 -5.09 -18.06
N LEU E 118 4.74 -5.39 -17.49
CA LEU E 118 4.17 -6.72 -17.64
C LEU E 118 3.67 -6.91 -19.07
N THR E 119 3.73 -8.15 -19.53
CA THR E 119 3.29 -8.52 -20.87
C THR E 119 2.50 -9.81 -20.80
N VAL E 120 1.94 -10.20 -21.95
CA VAL E 120 1.45 -11.55 -22.16
C VAL E 120 2.40 -12.27 -23.11
N GLN E 121 2.71 -13.51 -22.79
CA GLN E 121 3.65 -14.31 -23.58
C GLN E 121 3.05 -15.70 -23.81
N THR E 122 3.64 -16.41 -24.76
CA THR E 122 3.29 -17.81 -24.95
C THR E 122 3.68 -18.61 -23.72
N ASN E 123 2.79 -19.49 -23.30
CA ASN E 123 2.97 -20.25 -22.06
C ASN E 123 4.09 -21.27 -22.22
N ILE E 124 5.14 -21.15 -21.39
CA ILE E 124 6.17 -22.18 -21.32
C ILE E 124 6.41 -22.54 -19.87
N TYR E 125 5.51 -22.09 -18.99
CA TYR E 125 5.58 -22.34 -17.55
C TYR E 125 6.93 -21.91 -16.98
N ALA E 126 7.41 -20.75 -17.41
CA ALA E 126 8.67 -20.23 -16.91
C ALA E 126 8.45 -19.45 -15.61
N VAL E 127 9.56 -19.22 -14.90
CA VAL E 127 9.51 -18.39 -13.69
C VAL E 127 8.90 -17.03 -13.99
N SER E 128 9.21 -16.47 -15.16
CA SER E 128 8.69 -15.16 -15.53
C SER E 128 7.17 -15.15 -15.67
N GLN E 129 6.50 -16.30 -15.57
CA GLN E 129 5.05 -16.40 -15.72
C GLN E 129 4.39 -17.07 -14.53
N GLY E 130 5.05 -17.07 -13.37
CA GLY E 130 4.51 -17.68 -12.17
C GLY E 130 4.03 -16.62 -11.20
N TRP E 131 2.79 -16.77 -10.74
CA TRP E 131 2.17 -15.77 -9.90
C TRP E 131 1.44 -16.45 -8.75
N LEU E 132 1.20 -15.65 -7.70
CA LEU E 132 0.50 -16.07 -6.50
C LEU E 132 -0.36 -14.94 -5.96
N PRO E 133 -1.68 -15.12 -5.90
CA PRO E 133 -2.54 -14.13 -5.24
C PRO E 133 -2.44 -14.32 -3.74
N THR E 134 -1.90 -13.32 -3.04
CA THR E 134 -1.59 -13.47 -1.63
C THR E 134 -1.42 -12.10 -1.02
N ASN E 135 -1.67 -12.00 0.29
CA ASN E 135 -1.25 -10.82 1.03
C ASN E 135 0.11 -10.98 1.70
N ASN E 136 0.67 -12.19 1.69
CA ASN E 136 2.03 -12.42 2.15
C ASN E 136 3.02 -11.89 1.12
N THR E 137 3.89 -10.98 1.55
CA THR E 137 4.89 -10.41 0.64
C THR E 137 6.27 -11.00 0.86
N GLN E 138 6.41 -11.99 1.74
CA GLN E 138 7.66 -12.69 1.96
C GLN E 138 7.53 -14.15 1.53
N PRO E 139 8.53 -14.70 0.86
CA PRO E 139 8.48 -16.12 0.51
C PRO E 139 8.52 -16.99 1.76
N PHE E 140 7.99 -18.20 1.62
CA PHE E 140 7.91 -19.12 2.75
C PHE E 140 9.21 -19.92 2.84
N VAL E 141 9.91 -19.76 3.96
CA VAL E 141 11.18 -20.44 4.19
C VAL E 141 10.91 -21.77 4.87
N THR E 142 11.48 -22.84 4.33
CA THR E 142 11.21 -24.18 4.83
C THR E 142 12.41 -25.08 4.54
N THR E 143 12.53 -26.15 5.33
CA THR E 143 13.37 -27.27 4.94
C THR E 143 12.54 -28.20 4.05
N ILE E 144 13.23 -28.88 3.14
CA ILE E 144 12.60 -29.79 2.19
C ILE E 144 13.16 -31.16 2.49
N VAL E 145 12.37 -31.98 3.17
CA VAL E 145 12.77 -33.33 3.57
C VAL E 145 12.34 -34.29 2.46
N GLY E 146 13.17 -35.30 2.21
CA GLY E 146 12.86 -36.28 1.19
C GLY E 146 13.23 -37.69 1.58
N LEU E 147 13.80 -38.43 0.63
CA LEU E 147 14.12 -39.84 0.82
C LEU E 147 14.88 -40.08 2.13
N TYR E 148 14.45 -41.10 2.86
CA TYR E 148 15.06 -41.50 4.13
C TYR E 148 15.02 -40.40 5.17
N GLY E 149 14.09 -39.45 5.05
CA GLY E 149 14.07 -38.34 5.97
C GLY E 149 15.24 -37.39 5.88
N LEU E 150 16.03 -37.47 4.81
CA LEU E 150 17.15 -36.55 4.65
C LEU E 150 16.68 -35.24 4.03
N CYS E 151 17.50 -34.21 4.18
CA CYS E 151 17.12 -32.84 3.86
C CYS E 151 17.83 -32.37 2.59
N LEU E 152 17.10 -31.66 1.75
CA LEU E 152 17.69 -31.00 0.59
C LEU E 152 18.67 -29.93 1.05
N GLN E 153 19.88 -29.98 0.50
CA GLN E 153 20.98 -29.12 0.93
C GLN E 153 21.64 -28.48 -0.27
N ALA E 154 21.80 -27.15 -0.19
CA ALA E 154 22.52 -26.35 -1.18
C ALA E 154 23.95 -26.13 -0.69
N ASN E 155 24.88 -26.33 -1.61
CA ASN E 155 26.35 -26.32 -1.53
C ASN E 155 26.96 -25.65 -2.75
N SER E 156 27.12 -24.33 -2.65
CA SER E 156 27.46 -23.50 -3.79
C SER E 156 26.54 -23.79 -4.96
N GLY E 157 27.11 -24.22 -6.09
CA GLY E 157 26.27 -24.61 -7.21
C GLY E 157 25.57 -25.95 -7.03
N GLN E 158 26.09 -26.81 -6.16
CA GLN E 158 25.59 -28.17 -6.06
C GLN E 158 24.45 -28.27 -5.07
N VAL E 159 23.55 -29.20 -5.34
CA VAL E 159 22.45 -29.53 -4.45
C VAL E 159 22.43 -31.03 -4.28
N TRP E 160 22.17 -31.48 -3.05
CA TRP E 160 21.99 -32.90 -2.79
C TRP E 160 21.16 -33.04 -1.53
N ILE E 161 21.04 -34.28 -1.05
CA ILE E 161 20.25 -34.59 0.14
C ILE E 161 21.20 -35.14 1.20
N GLU E 162 20.98 -34.76 2.45
CA GLU E 162 21.91 -35.09 3.52
C GLU E 162 21.16 -35.08 4.85
N ASP E 163 21.80 -35.68 5.86
CA ASP E 163 21.27 -35.74 7.21
C ASP E 163 20.79 -34.36 7.65
N CYS E 164 19.52 -34.28 8.07
CA CYS E 164 18.95 -33.01 8.48
C CYS E 164 19.66 -32.48 9.70
N SER E 165 19.87 -31.17 9.73
CA SER E 165 20.44 -30.49 10.88
C SER E 165 19.80 -29.13 11.02
N SER E 166 19.20 -28.88 12.17
CA SER E 166 18.54 -27.63 12.50
C SER E 166 19.50 -26.43 12.44
N LYS E 168 21.64 -25.89 10.02
CA LYS E 168 22.34 -25.54 8.80
C LYS E 168 21.49 -24.66 7.89
N ALA E 169 21.92 -23.40 7.72
CA ALA E 169 21.22 -22.51 6.79
C ALA E 169 21.28 -23.02 5.36
N GLU E 170 22.25 -23.91 5.06
CA GLU E 170 22.33 -24.55 3.76
C GLU E 170 21.12 -25.42 3.45
N GLN E 171 20.35 -25.81 4.48
CA GLN E 171 19.18 -26.66 4.31
C GLN E 171 17.87 -25.85 4.36
N GLN E 172 17.95 -24.53 4.38
CA GLN E 172 16.78 -23.68 4.34
C GLN E 172 16.50 -23.26 2.90
N TRP E 173 15.23 -23.20 2.54
CA TRP E 173 14.84 -22.88 1.18
C TRP E 173 13.70 -21.88 1.20
N ALA E 174 13.76 -20.92 0.28
CA ALA E 174 12.75 -19.88 0.14
C ALA E 174 11.88 -20.23 -1.06
N LEU E 175 10.60 -20.48 -0.81
CA LEU E 175 9.65 -20.79 -1.88
C LEU E 175 9.02 -19.47 -2.32
N TYR E 176 9.48 -18.96 -3.46
CA TYR E 176 9.05 -17.70 -4.01
C TYR E 176 7.73 -17.84 -4.76
N ALA E 177 6.99 -16.74 -4.85
CA ALA E 177 5.68 -16.76 -5.47
C ALA E 177 5.74 -17.03 -6.97
N ASP E 178 6.90 -16.88 -7.60
CA ASP E 178 7.04 -17.18 -9.02
C ASP E 178 7.33 -18.66 -9.27
N GLY E 179 7.28 -19.50 -8.24
CA GLY E 179 7.54 -20.90 -8.39
C GLY E 179 8.99 -21.31 -8.27
N SER E 180 9.90 -20.37 -8.06
CA SER E 180 11.31 -20.70 -7.90
C SER E 180 11.56 -21.17 -6.47
N ILE E 181 12.55 -22.05 -6.33
CA ILE E 181 12.99 -22.58 -5.05
C ILE E 181 14.43 -22.10 -4.84
N ARG E 182 14.62 -21.21 -3.87
CA ARG E 182 15.88 -20.51 -3.73
C ARG E 182 16.60 -20.90 -2.45
N PRO E 183 17.92 -21.08 -2.50
CA PRO E 183 18.67 -21.30 -1.26
C PRO E 183 18.58 -20.06 -0.39
N GLN E 184 18.31 -20.28 0.90
CA GLN E 184 18.09 -19.17 1.82
C GLN E 184 19.29 -18.23 1.87
N GLN E 185 20.51 -18.77 1.72
CA GLN E 185 21.71 -17.97 1.86
C GLN E 185 21.96 -17.04 0.68
N ASN E 186 21.39 -17.32 -0.50
CA ASN E 186 21.57 -16.43 -1.65
C ASN E 186 20.29 -16.47 -2.48
N ARG E 187 19.44 -15.46 -2.27
CA ARG E 187 18.12 -15.42 -2.90
C ARG E 187 18.17 -14.99 -4.35
N ASP E 188 19.35 -14.67 -4.89
CA ASP E 188 19.47 -14.41 -6.32
C ASP E 188 19.62 -15.69 -7.14
N ASN E 189 19.78 -16.84 -6.50
CA ASN E 189 20.05 -18.12 -7.15
C ASN E 189 18.89 -19.08 -6.93
N CYS E 190 18.80 -20.05 -7.84
CA CYS E 190 17.57 -20.79 -8.06
C CYS E 190 17.89 -22.27 -8.24
N LEU E 191 17.03 -23.13 -7.71
CA LEU E 191 17.08 -24.55 -8.09
C LEU E 191 16.77 -24.65 -9.57
N THR E 192 17.71 -25.22 -10.34
CA THR E 192 17.69 -25.09 -11.79
C THR E 192 17.99 -26.42 -12.46
N SER E 193 17.18 -26.76 -13.46
CA SER E 193 17.48 -27.82 -14.41
C SER E 193 17.75 -27.17 -15.75
N ASP E 194 18.99 -27.27 -16.23
CA ASP E 194 19.39 -26.58 -17.45
C ASP E 194 18.68 -27.08 -18.69
N SER E 195 17.93 -28.18 -18.59
CA SER E 195 17.24 -28.72 -19.75
C SER E 195 16.16 -29.70 -19.30
N ASN E 196 15.34 -30.12 -20.27
CA ASN E 196 14.23 -31.03 -20.02
C ASN E 196 14.65 -32.48 -20.09
N ILE E 197 15.90 -32.74 -20.50
CA ILE E 197 16.35 -34.11 -20.66
C ILE E 197 16.21 -34.84 -19.33
N ARG E 198 15.72 -36.08 -19.40
CA ARG E 198 15.67 -36.89 -18.20
C ARG E 198 17.08 -37.19 -17.72
N GLU E 199 17.21 -37.40 -16.41
CA GLU E 199 18.48 -37.71 -15.74
C GLU E 199 19.44 -36.51 -15.72
N THR E 200 18.97 -35.32 -16.12
CA THR E 200 19.80 -34.13 -15.99
C THR E 200 19.99 -33.77 -14.53
N VAL E 201 21.19 -33.35 -14.17
CA VAL E 201 21.51 -33.03 -12.78
C VAL E 201 20.98 -31.64 -12.46
N VAL E 202 20.19 -31.55 -11.38
CA VAL E 202 19.67 -30.28 -10.91
C VAL E 202 20.75 -29.56 -10.13
N LYS E 203 20.87 -28.25 -10.32
CA LYS E 203 21.92 -27.44 -9.73
C LYS E 203 21.33 -26.15 -9.17
N ILE E 204 22.21 -25.30 -8.66
CA ILE E 204 21.85 -23.97 -8.20
C ILE E 204 22.52 -22.98 -9.14
N LEU E 205 21.73 -22.12 -9.78
CA LEU E 205 22.26 -21.07 -10.63
C LEU E 205 21.43 -19.80 -10.42
N SER E 206 21.97 -18.69 -10.94
CA SER E 206 21.29 -17.41 -10.91
C SER E 206 19.88 -17.52 -11.47
N CYS E 207 18.96 -16.81 -10.85
CA CYS E 207 17.57 -16.75 -11.32
C CYS E 207 17.37 -15.80 -12.48
N GLY E 208 18.45 -15.26 -13.03
CA GLY E 208 18.41 -14.30 -14.10
C GLY E 208 17.49 -14.64 -15.25
N PRO E 209 17.69 -15.79 -15.89
CA PRO E 209 16.83 -16.16 -17.03
C PRO E 209 15.37 -16.45 -16.64
N ALA E 210 15.08 -16.73 -15.36
CA ALA E 210 13.72 -17.04 -14.91
C ALA E 210 13.06 -18.06 -15.83
N SER E 211 13.77 -19.16 -16.07
CA SER E 211 13.47 -20.10 -17.12
C SER E 211 12.36 -21.07 -16.70
N SER E 212 11.93 -21.89 -17.67
CA SER E 212 11.01 -22.97 -17.35
C SER E 212 11.68 -24.04 -16.51
N GLY E 213 13.00 -24.22 -16.67
CA GLY E 213 13.73 -25.13 -15.81
C GLY E 213 13.92 -24.67 -14.40
N GLN E 214 13.43 -23.48 -14.05
CA GLN E 214 13.59 -22.91 -12.72
C GLN E 214 12.29 -22.86 -11.93
N ARG E 215 11.19 -23.36 -12.48
CA ARG E 215 9.88 -23.27 -11.86
C ARG E 215 9.43 -24.64 -11.38
N TRP E 216 8.94 -24.71 -10.13
CA TRP E 216 8.58 -25.98 -9.52
C TRP E 216 7.26 -25.85 -8.77
N MET E 217 6.53 -26.95 -8.70
CA MET E 217 5.27 -26.99 -7.96
C MET E 217 5.19 -28.24 -7.12
N PHE E 218 4.90 -28.06 -5.83
CA PHE E 218 4.66 -29.17 -4.92
C PHE E 218 3.28 -29.75 -5.21
N LYS E 219 3.25 -30.97 -5.75
CA LYS E 219 2.01 -31.60 -6.14
C LYS E 219 1.38 -32.32 -4.94
N ASN E 220 0.08 -32.61 -5.05
CA ASN E 220 -0.66 -33.28 -4.00
C ASN E 220 -0.13 -34.68 -3.73
N ASP E 221 0.59 -35.28 -4.68
CA ASP E 221 1.12 -36.63 -4.52
C ASP E 221 2.47 -36.67 -3.82
N GLY E 222 2.97 -35.52 -3.37
CA GLY E 222 4.24 -35.45 -2.68
C GLY E 222 5.45 -35.20 -3.55
N THR E 223 5.29 -35.20 -4.87
CA THR E 223 6.40 -34.95 -5.78
C THR E 223 6.58 -33.46 -6.02
N ILE E 224 7.80 -33.08 -6.39
CA ILE E 224 8.13 -31.72 -6.76
C ILE E 224 8.32 -31.71 -8.27
N LEU E 225 7.43 -31.03 -8.98
CA LEU E 225 7.28 -31.17 -10.41
C LEU E 225 7.78 -29.93 -11.14
N ASN E 226 8.55 -30.14 -12.20
CA ASN E 226 8.93 -29.05 -13.11
C ASN E 226 7.91 -29.02 -14.23
N LEU E 227 7.12 -27.94 -14.28
CA LEU E 227 5.86 -27.94 -15.02
C LEU E 227 6.07 -28.06 -16.52
N TYR E 228 7.11 -27.43 -17.07
CA TYR E 228 7.27 -27.45 -18.53
C TYR E 228 7.71 -28.83 -19.02
N SER E 229 8.62 -29.48 -18.29
CA SER E 229 9.10 -30.79 -18.72
C SER E 229 8.15 -31.90 -18.30
N GLY E 230 7.42 -31.74 -17.20
CA GLY E 230 6.62 -32.82 -16.68
C GLY E 230 7.39 -33.84 -15.86
N LEU E 231 8.70 -33.65 -15.70
CA LEU E 231 9.54 -34.50 -14.88
C LEU E 231 9.59 -33.97 -13.45
N VAL E 232 9.96 -34.85 -12.52
CA VAL E 232 9.96 -34.51 -11.10
C VAL E 232 11.37 -34.63 -10.54
N LEU E 233 11.58 -34.00 -9.39
CA LEU E 233 12.87 -34.12 -8.72
C LEU E 233 13.04 -35.50 -8.12
N ASP E 234 14.27 -36.00 -8.18
CA ASP E 234 14.53 -37.41 -7.99
C ASP E 234 15.94 -37.56 -7.42
N VAL E 235 16.06 -38.27 -6.30
CA VAL E 235 17.36 -38.60 -5.75
C VAL E 235 17.91 -39.78 -6.55
N ARG E 236 18.96 -39.53 -7.32
CA ARG E 236 19.39 -40.47 -8.35
C ARG E 236 19.69 -41.84 -7.75
N ALA E 237 19.19 -42.88 -8.42
CA ALA E 237 19.35 -44.27 -8.01
C ALA E 237 18.86 -44.51 -6.60
N SER E 238 18.05 -43.59 -6.07
CA SER E 238 17.62 -43.64 -4.68
C SER E 238 18.81 -43.76 -3.74
N ASP E 239 19.93 -43.16 -4.14
CA ASP E 239 21.19 -43.30 -3.41
C ASP E 239 21.73 -41.93 -3.05
N PRO E 240 21.54 -41.49 -1.80
CA PRO E 240 22.00 -40.14 -1.42
C PRO E 240 23.50 -39.93 -1.54
N SER E 241 24.31 -40.97 -1.40
CA SER E 241 25.75 -40.78 -1.45
C SER E 241 26.23 -40.36 -2.83
N LEU E 242 25.40 -40.56 -3.87
CA LEU E 242 25.78 -40.06 -5.20
C LEU E 242 25.76 -38.55 -5.26
N LYS E 243 25.07 -37.89 -4.32
CA LYS E 243 25.03 -36.43 -4.24
C LYS E 243 24.51 -35.80 -5.54
N GLN E 244 23.49 -36.43 -6.13
CA GLN E 244 22.88 -35.93 -7.36
C GLN E 244 21.37 -36.00 -7.27
N ILE E 245 20.72 -34.86 -7.40
CA ILE E 245 19.28 -34.77 -7.59
C ILE E 245 19.03 -34.48 -9.06
N ILE E 246 18.18 -35.29 -9.69
CA ILE E 246 17.98 -35.20 -11.13
C ILE E 246 16.51 -34.98 -11.45
N LEU E 247 16.27 -34.49 -12.66
CA LEU E 247 14.95 -34.58 -13.26
C LEU E 247 14.70 -36.02 -13.71
N TYR E 248 13.49 -36.51 -13.48
CA TYR E 248 13.20 -37.88 -13.86
C TYR E 248 11.71 -38.10 -14.01
N PRO E 249 11.28 -38.90 -14.98
CA PRO E 249 9.84 -39.14 -15.14
C PRO E 249 9.25 -39.73 -13.87
N LEU E 250 7.96 -39.46 -13.67
CA LEU E 250 7.30 -39.81 -12.42
C LEU E 250 7.07 -41.31 -12.33
N HIS E 251 7.63 -41.93 -11.29
CA HIS E 251 7.25 -43.29 -10.91
C HIS E 251 6.72 -43.38 -9.48
N GLY E 252 6.89 -42.34 -8.67
CA GLY E 252 6.28 -42.26 -7.35
C GLY E 252 7.01 -42.96 -6.22
N ASP E 253 8.16 -43.59 -6.50
CA ASP E 253 8.88 -44.30 -5.46
C ASP E 253 9.48 -43.30 -4.47
N PRO E 254 9.92 -43.76 -3.29
CA PRO E 254 10.31 -42.80 -2.22
C PRO E 254 11.38 -41.80 -2.61
N ASN E 255 12.22 -42.09 -3.60
CA ASN E 255 13.25 -41.13 -4.00
C ASN E 255 12.67 -39.95 -4.80
N GLN E 256 11.35 -39.91 -5.00
CA GLN E 256 10.67 -38.79 -5.61
C GLN E 256 9.65 -38.15 -4.67
N ILE E 257 9.60 -38.56 -3.40
CA ILE E 257 8.64 -38.04 -2.43
C ILE E 257 9.34 -37.01 -1.56
N TRP E 258 8.70 -35.86 -1.39
CA TRP E 258 9.28 -34.76 -0.62
C TRP E 258 8.20 -34.20 0.29
N LEU E 259 8.64 -33.43 1.29
CA LEU E 259 7.67 -32.74 2.14
C LEU E 259 8.27 -31.43 2.65
N PRO E 260 7.57 -30.31 2.48
CA PRO E 260 8.07 -29.04 3.02
C PRO E 260 7.79 -28.92 4.51
N LEU E 261 8.78 -29.22 5.33
CA LEU E 261 8.66 -29.13 6.79
C LEU E 261 8.91 -27.68 7.18
N PHE E 262 7.83 -26.94 7.38
CA PHE E 262 7.95 -25.54 7.81
C PHE E 262 8.02 -25.46 9.33
N GLN F 3 22.23 -58.52 5.07
CA GLN F 3 23.44 -58.99 4.41
C GLN F 3 23.29 -59.23 2.91
N LEU F 4 24.41 -59.10 2.21
CA LEU F 4 24.43 -59.23 0.76
C LEU F 4 25.67 -60.01 0.35
N ALA F 5 25.49 -60.93 -0.59
CA ALA F 5 26.58 -61.73 -1.14
C ALA F 5 26.46 -61.77 -2.66
N GLU F 6 27.60 -61.64 -3.33
CA GLU F 6 27.64 -61.62 -4.78
C GLU F 6 27.92 -63.00 -5.35
N SER F 7 27.78 -63.12 -6.66
CA SER F 7 28.04 -64.36 -7.38
C SER F 7 28.17 -64.03 -8.87
N GLY F 8 28.44 -65.06 -9.66
CA GLY F 8 28.45 -64.92 -11.11
C GLY F 8 29.66 -64.20 -11.69
N GLY F 9 30.72 -64.02 -10.91
CA GLY F 9 31.91 -63.37 -11.41
C GLY F 9 32.89 -64.37 -12.00
N GLY F 10 33.58 -63.94 -13.06
CA GLY F 10 34.53 -64.80 -13.72
C GLY F 10 35.31 -64.07 -14.79
N LEU F 11 35.86 -64.86 -15.70
CA LEU F 11 36.70 -64.35 -16.78
C LEU F 11 36.16 -64.76 -18.13
N VAL F 12 36.11 -63.81 -19.07
CA VAL F 12 35.83 -64.10 -20.46
C VAL F 12 36.35 -62.93 -21.28
N GLN F 13 36.47 -63.13 -22.58
CA GLN F 13 37.13 -62.15 -23.43
C GLN F 13 36.23 -60.92 -23.61
N ALA F 14 36.77 -59.93 -24.32
CA ALA F 14 36.00 -58.74 -24.62
C ALA F 14 34.86 -59.11 -25.56
N GLY F 15 33.70 -58.56 -25.28
CA GLY F 15 32.54 -58.89 -26.07
C GLY F 15 31.73 -60.05 -25.54
N GLY F 16 32.15 -60.65 -24.40
CA GLY F 16 31.36 -61.70 -23.81
C GLY F 16 30.23 -61.13 -22.98
N SER F 17 29.58 -62.02 -22.24
CA SER F 17 28.45 -61.65 -21.43
C SER F 17 28.48 -62.42 -20.12
N LEU F 18 28.22 -61.73 -19.02
CA LEU F 18 28.14 -62.36 -17.72
C LEU F 18 27.08 -61.69 -16.89
N ARG F 19 26.34 -62.50 -16.14
CA ARG F 19 25.30 -62.04 -15.25
C ARG F 19 25.79 -62.21 -13.83
N LEU F 20 25.84 -61.10 -13.10
CA LEU F 20 26.15 -61.14 -11.68
C LEU F 20 24.86 -61.23 -10.89
N SER F 21 24.85 -62.09 -9.89
CA SER F 21 23.71 -62.19 -8.98
C SER F 21 24.10 -61.63 -7.62
N CYS F 22 23.08 -61.38 -6.80
CA CYS F 22 23.30 -60.84 -5.46
C CYS F 22 22.24 -61.42 -4.52
N ALA F 23 22.63 -62.41 -3.72
CA ALA F 23 21.70 -63.03 -2.77
C ALA F 23 21.61 -62.16 -1.52
N ALA F 24 20.39 -61.81 -1.14
CA ALA F 24 20.13 -61.02 0.05
C ALA F 24 19.74 -61.92 1.22
N SER F 25 20.02 -61.43 2.43
CA SER F 25 19.66 -62.14 3.65
C SER F 25 18.19 -61.92 4.00
N SER F 30 13.57 -55.62 -0.30
CA SER F 30 12.32 -55.04 -0.80
C SER F 30 12.13 -53.61 -0.28
N ASP F 31 12.43 -53.40 1.01
CA ASP F 31 12.49 -52.05 1.55
C ASP F 31 13.66 -51.25 0.99
N TYR F 32 14.61 -51.92 0.35
CA TYR F 32 15.91 -51.36 0.01
C TYR F 32 15.98 -51.00 -1.47
N ALA F 33 16.50 -49.82 -1.75
CA ALA F 33 17.01 -49.54 -3.09
C ALA F 33 18.31 -50.30 -3.29
N MET F 34 18.52 -50.80 -4.50
CA MET F 34 19.70 -51.59 -4.84
C MET F 34 20.46 -51.01 -6.01
N GLY F 35 21.78 -51.21 -5.98
CA GLY F 35 22.67 -50.73 -7.02
C GLY F 35 23.93 -51.55 -7.08
N TRP F 36 24.66 -51.37 -8.17
CA TRP F 36 25.95 -52.01 -8.39
C TRP F 36 27.02 -50.93 -8.47
N PHE F 37 28.19 -51.22 -7.90
CA PHE F 37 29.34 -50.33 -7.93
C PHE F 37 30.55 -51.10 -8.44
N ARG F 38 31.56 -50.37 -8.90
CA ARG F 38 32.72 -50.98 -9.54
C ARG F 38 34.02 -50.24 -9.27
N GLU F 44 38.86 -45.58 -7.32
CA GLU F 44 37.79 -45.48 -6.33
C GLU F 44 36.52 -46.19 -6.78
N ARG F 45 35.64 -46.48 -5.82
CA ARG F 45 34.36 -47.12 -6.14
C ARG F 45 33.49 -46.17 -6.96
N ASP F 46 32.88 -46.70 -8.02
CA ASP F 46 32.10 -45.88 -8.93
C ASP F 46 30.72 -46.49 -9.16
N PHE F 47 29.72 -45.63 -9.27
CA PHE F 47 28.36 -46.05 -9.54
C PHE F 47 28.26 -46.63 -10.94
N VAL F 48 27.60 -47.78 -11.06
CA VAL F 48 27.35 -48.42 -12.35
C VAL F 48 25.87 -48.41 -12.69
N ALA F 49 25.04 -48.93 -11.78
CA ALA F 49 23.60 -48.99 -12.00
C ALA F 49 22.91 -49.04 -10.65
N GLY F 50 21.66 -48.58 -10.64
CA GLY F 50 20.86 -48.60 -9.42
C GLY F 50 19.41 -48.77 -9.77
N ILE F 51 18.64 -49.25 -8.79
CA ILE F 51 17.21 -49.47 -8.98
C ILE F 51 16.51 -49.20 -7.66
N THR F 52 15.33 -48.57 -7.74
CA THR F 52 14.55 -48.26 -6.56
C THR F 52 13.94 -49.54 -5.96
N SER F 53 13.37 -49.39 -4.76
CA SER F 53 12.88 -50.54 -4.00
C SER F 53 11.82 -51.32 -4.78
N SER F 54 10.74 -50.64 -5.18
CA SER F 54 9.69 -51.29 -5.95
C SER F 54 10.07 -51.57 -7.39
N GLY F 55 11.27 -51.19 -7.82
CA GLY F 55 11.52 -51.05 -9.23
C GLY F 55 10.84 -49.77 -9.73
N GLY F 56 10.68 -49.70 -11.04
CA GLY F 56 10.03 -48.53 -11.61
C GLY F 56 11.00 -47.39 -11.85
N GLY F 57 12.10 -47.38 -11.11
CA GLY F 57 13.21 -46.49 -11.41
C GLY F 57 14.51 -47.26 -11.61
N THR F 58 15.08 -47.18 -12.80
CA THR F 58 16.42 -47.68 -13.08
C THR F 58 17.29 -46.52 -13.53
N TYR F 59 18.49 -46.42 -12.97
CA TYR F 59 19.42 -45.33 -13.26
C TYR F 59 20.78 -45.93 -13.57
N TYR F 60 21.33 -45.57 -14.73
CA TYR F 60 22.59 -46.13 -15.20
C TYR F 60 23.62 -45.03 -15.37
N ALA F 61 24.87 -45.38 -15.10
CA ALA F 61 25.98 -44.48 -15.42
C ALA F 61 26.10 -44.32 -16.93
N ASP F 62 26.60 -43.16 -17.35
CA ASP F 62 26.68 -42.86 -18.78
C ASP F 62 27.66 -43.80 -19.48
N SER F 63 28.78 -44.08 -18.81
CA SER F 63 29.80 -44.98 -19.35
C SER F 63 29.20 -46.32 -19.74
N VAL F 64 28.38 -46.89 -18.86
CA VAL F 64 27.91 -48.25 -18.99
C VAL F 64 26.51 -48.35 -19.61
N LYS F 65 25.93 -47.24 -20.03
CA LYS F 65 24.57 -47.24 -20.54
C LYS F 65 24.48 -47.88 -21.92
N GLY F 66 23.40 -48.61 -22.15
CA GLY F 66 23.20 -49.31 -23.40
C GLY F 66 23.87 -50.66 -23.50
N ARG F 67 24.57 -51.10 -22.46
CA ARG F 67 25.24 -52.40 -22.48
C ARG F 67 24.83 -53.24 -21.29
N PHE F 68 24.56 -52.60 -20.15
CA PHE F 68 24.25 -53.30 -18.92
C PHE F 68 22.78 -53.10 -18.53
N THR F 69 22.21 -54.14 -17.91
CA THR F 69 20.83 -54.12 -17.46
C THR F 69 20.80 -54.58 -16.00
N ILE F 70 20.45 -53.68 -15.10
CA ILE F 70 20.20 -54.06 -13.71
C ILE F 70 18.73 -54.45 -13.58
N THR F 71 18.48 -55.55 -12.88
CA THR F 71 17.12 -55.97 -12.56
C THR F 71 17.09 -56.42 -11.11
N ARG F 72 15.88 -56.54 -10.58
CA ARG F 72 15.68 -56.99 -9.22
C ARG F 72 14.44 -57.85 -9.18
N ASP F 73 14.27 -58.57 -8.07
CA ASP F 73 13.17 -59.52 -7.93
C ASP F 73 12.90 -59.69 -6.43
N ASN F 74 11.86 -59.02 -5.94
CA ASN F 74 11.61 -58.93 -4.51
C ASN F 74 10.88 -60.15 -3.96
N TYR F 75 10.39 -61.04 -4.83
CA TYR F 75 9.80 -62.29 -4.35
C TYR F 75 10.84 -63.37 -4.12
N LYS F 76 12.05 -63.21 -4.66
CA LYS F 76 13.17 -64.10 -4.44
C LYS F 76 14.31 -63.43 -3.66
N ASN F 77 14.25 -62.11 -3.46
CA ASN F 77 15.25 -61.36 -2.69
C ASN F 77 16.63 -61.43 -3.34
N THR F 78 16.68 -61.30 -4.66
CA THR F 78 17.93 -61.33 -5.39
C THR F 78 17.99 -60.19 -6.39
N LEU F 79 19.16 -59.58 -6.50
CA LEU F 79 19.43 -58.55 -7.48
C LEU F 79 20.43 -59.07 -8.52
N TYR F 80 20.20 -58.72 -9.78
CA TYR F 80 21.03 -59.19 -10.88
C TYR F 80 21.66 -58.00 -11.60
N LEU F 81 22.72 -58.28 -12.36
CA LEU F 81 23.29 -57.31 -13.28
C LEU F 81 23.69 -58.02 -14.56
N GLN F 82 22.92 -57.80 -15.64
CA GLN F 82 23.29 -58.28 -16.95
C GLN F 82 24.37 -57.39 -17.55
N MET F 83 25.46 -57.99 -18.02
CA MET F 83 26.62 -57.27 -18.54
C MET F 83 26.92 -57.80 -19.94
N ASP F 84 26.41 -57.09 -20.96
CA ASP F 84 26.63 -57.47 -22.34
C ASP F 84 27.70 -56.58 -22.98
N SER F 85 28.36 -57.14 -24.00
CA SER F 85 29.35 -56.44 -24.80
C SER F 85 30.44 -55.79 -23.92
N LEU F 86 31.14 -56.63 -23.17
CA LEU F 86 32.14 -56.15 -22.24
C LEU F 86 33.41 -55.72 -22.96
N LYS F 87 34.11 -54.78 -22.34
CA LYS F 87 35.37 -54.23 -22.82
C LYS F 87 36.41 -54.39 -21.72
N PRO F 88 37.70 -54.32 -22.06
CA PRO F 88 38.73 -54.32 -21.01
C PRO F 88 38.58 -53.19 -20.01
N GLU F 89 37.85 -52.13 -20.36
CA GLU F 89 37.62 -51.01 -19.46
C GLU F 89 36.70 -51.36 -18.30
N ASP F 90 35.88 -52.40 -18.44
CA ASP F 90 34.93 -52.81 -17.42
C ASP F 90 35.55 -53.69 -16.33
N THR F 91 36.76 -54.21 -16.55
CA THR F 91 37.39 -55.11 -15.59
C THR F 91 37.61 -54.42 -14.25
N ALA F 92 37.01 -54.98 -13.20
CA ALA F 92 37.13 -54.45 -11.84
C ALA F 92 36.38 -55.35 -10.86
N VAL F 93 36.46 -55.02 -9.58
CA VAL F 93 35.63 -55.66 -8.57
C VAL F 93 34.25 -55.00 -8.56
N TYR F 94 33.21 -55.81 -8.71
CA TYR F 94 31.83 -55.33 -8.77
C TYR F 94 31.13 -55.64 -7.46
N TYR F 95 30.66 -54.60 -6.77
CA TYR F 95 29.95 -54.73 -5.50
C TYR F 95 28.46 -54.47 -5.68
N CYS F 96 27.66 -55.11 -4.86
CA CYS F 96 26.25 -54.78 -4.70
C CYS F 96 26.06 -53.91 -3.46
N LYS F 97 25.09 -53.00 -3.52
CA LYS F 97 24.88 -52.03 -2.46
C LYS F 97 23.38 -51.82 -2.25
N GLY F 98 23.00 -51.62 -0.99
CA GLY F 98 21.62 -51.31 -0.66
C GLY F 98 21.53 -50.14 0.28
N THR F 99 20.45 -49.37 0.12
CA THR F 99 20.18 -48.22 0.97
C THR F 99 18.79 -48.34 1.58
N ALA F 100 18.65 -47.95 2.84
CA ALA F 100 17.41 -48.14 3.60
C ALA F 100 17.19 -46.96 4.54
N ASP F 101 16.12 -47.05 5.34
CA ASP F 101 15.55 -45.91 6.04
C ASP F 101 16.07 -45.73 7.46
N GLY F 102 16.78 -46.68 8.04
CA GLY F 102 17.13 -46.60 9.45
C GLY F 102 18.04 -45.47 9.88
N SER F 103 18.60 -45.59 11.09
CA SER F 103 19.38 -44.54 11.73
C SER F 103 20.87 -44.87 11.68
N SER F 104 21.69 -43.86 11.39
CA SER F 104 23.15 -43.98 11.36
C SER F 104 23.74 -42.58 11.30
N SER F 105 25.08 -42.52 11.26
CA SER F 105 25.77 -41.25 11.01
C SER F 105 25.46 -40.72 9.62
N LEU F 106 25.25 -41.62 8.66
CA LEU F 106 24.75 -41.22 7.35
C LEU F 106 23.39 -40.53 7.45
N GLY F 107 22.54 -40.98 8.38
CA GLY F 107 21.14 -40.67 8.38
C GLY F 107 20.30 -41.68 7.63
N TYR F 108 20.92 -42.71 7.08
CA TYR F 108 20.25 -43.79 6.36
C TYR F 108 21.21 -44.97 6.32
N LEU F 109 20.67 -46.16 6.07
CA LEU F 109 21.47 -47.38 6.10
C LEU F 109 22.05 -47.69 4.72
N GLU F 110 23.28 -48.19 4.72
CA GLU F 110 24.00 -48.62 3.52
C GLU F 110 24.59 -49.99 3.84
N VAL F 111 24.17 -51.04 3.14
CA VAL F 111 24.76 -52.34 3.41
C VAL F 111 25.47 -52.72 2.11
N TRP F 112 26.70 -53.25 2.21
CA TRP F 112 27.47 -53.60 1.01
C TRP F 112 27.54 -55.13 0.79
N GLY F 113 28.33 -55.58 -0.20
CA GLY F 113 28.57 -56.98 -0.42
C GLY F 113 30.06 -57.22 -0.28
N GLN F 114 30.50 -58.47 -0.45
CA GLN F 114 31.87 -58.17 -0.15
C GLN F 114 32.68 -58.16 -1.50
N GLY F 115 32.01 -58.55 -2.58
CA GLY F 115 32.53 -58.33 -3.93
C GLY F 115 32.84 -59.57 -4.74
N THR F 116 32.71 -59.41 -6.06
CA THR F 116 33.08 -60.45 -7.01
C THR F 116 33.94 -59.88 -8.15
N LEU F 117 35.02 -60.59 -8.47
CA LEU F 117 35.97 -60.10 -9.49
C LEU F 117 35.50 -60.47 -10.88
N VAL F 118 35.62 -59.52 -11.80
CA VAL F 118 35.38 -59.74 -13.22
C VAL F 118 36.65 -59.32 -13.96
N THR F 119 37.10 -60.15 -14.88
CA THR F 119 38.24 -59.84 -15.73
C THR F 119 37.86 -60.06 -17.18
N VAL F 120 38.20 -59.11 -18.03
CA VAL F 120 37.81 -59.16 -19.43
C VAL F 120 39.03 -59.17 -20.35
#